data_1GJQ
#
_entry.id   1GJQ
#
_cell.length_a   167.400
_cell.length_b   88.600
_cell.length_c   113.400
_cell.angle_alpha   90.00
_cell.angle_beta   90.00
_cell.angle_gamma   90.00
#
_symmetry.space_group_name_H-M   'P 21 21 2'
#
loop_
_entity.id
_entity.type
_entity.pdbx_description
1 polymer 'NITRITE REDUCTASE'
2 non-polymer 'HEME C'
3 non-polymer 'HEME D'
4 non-polymer 'CYANIDE ION'
5 water water
#
_entity_poly.entity_id   1
_entity_poly.type   'polypeptide(L)'
_entity_poly.pdbx_seq_one_letter_code
;KDDMKAAEQYQGAASAVDPAHVVRTNGAPDMSESEFNEAKQIYFQRCAGCHGVLRKGATGKPLTPDITQQRGQQYLEALI
TYGTPLGMPNWGSSGELSKEQITLMAKYIQHTPPQPPEWGMPEMRESWKVLVKPEDRPKKQLNDLDLPNLFSVTLRDAGQ
IALVDGDSKKIVKVIDTGYAVHISRMSASGRYLLVIGRDARIDMIDLWAKEPTKVAEIKIGIEARSVESSKFKGYEDRYT
IAGAYWPPQFAIMDGETLEPKQIVSTRGMTVDTQTYHPEPRVAAIIASHEHPEFIVNVKETGKVLLVNYKDIDNLTVTSI
GAAPFLHDGGWDSSHRYFMTAANNSNKVAVIDSKDRRLSALVDVGKTPHPGRGANFVHPKYGPVWSTSHLGDGSISLIGT
DPKNHPQYAWKKVAELQGQGGGSLFIKTHPKSSHLYVDTTFNPDARISQSVAVFDLKNLDAKYQVLPIAEWADLGEGAKR
VVQPEYNKRGDEVWFSVWNGKNDSSALVVVDDKTLKLKAVVKDPRLITPTGKFNVYNTQHDVY
;
_entity_poly.pdbx_strand_id   A,B
#
# COMPACT_ATOMS: atom_id res chain seq x y z
N ASP A 3 -12.48 -8.52 27.20
CA ASP A 3 -12.48 -8.66 28.70
C ASP A 3 -11.15 -9.10 29.22
N MET A 4 -11.25 -9.49 30.46
CA MET A 4 -10.22 -10.16 31.29
C MET A 4 -8.79 -10.73 30.91
N LYS A 5 -8.11 -11.03 32.03
CA LYS A 5 -6.80 -11.67 32.26
C LYS A 5 -6.12 -12.74 31.34
N ALA A 6 -6.91 -13.54 30.62
CA ALA A 6 -6.42 -14.56 29.67
C ALA A 6 -5.78 -13.91 28.44
N ALA A 7 -6.52 -12.97 27.89
CA ALA A 7 -6.12 -12.18 26.71
C ALA A 7 -4.99 -11.17 27.01
N GLU A 8 -4.74 -10.96 28.29
CA GLU A 8 -3.69 -10.06 28.73
C GLU A 8 -2.30 -10.70 28.79
N GLN A 9 -2.30 -12.03 28.94
CA GLN A 9 -1.07 -12.84 29.02
C GLN A 9 -0.68 -13.36 27.66
N TYR A 10 -1.70 -13.44 26.81
CA TYR A 10 -1.60 -13.89 25.43
C TYR A 10 -0.74 -12.88 24.65
N GLN A 11 -0.93 -11.59 24.97
CA GLN A 11 -0.17 -10.49 24.35
C GLN A 11 0.76 -9.85 25.39
N GLY A 12 1.13 -10.63 26.40
CA GLY A 12 1.98 -10.17 27.48
C GLY A 12 3.47 -10.19 27.22
N ALA A 13 3.89 -10.85 26.14
CA ALA A 13 5.32 -10.95 25.79
C ALA A 13 5.87 -9.66 25.18
N ALA A 14 7.20 -9.51 25.23
CA ALA A 14 7.89 -8.33 24.71
C ALA A 14 7.94 -8.29 23.18
N SER A 15 8.00 -7.08 22.65
CA SER A 15 8.09 -6.86 21.21
C SER A 15 9.52 -7.21 20.76
N ALA A 16 9.66 -7.76 19.57
CA ALA A 16 10.97 -8.13 19.01
C ALA A 16 11.81 -6.91 18.62
N VAL A 17 11.15 -5.74 18.59
CA VAL A 17 11.78 -4.47 18.28
C VAL A 17 12.70 -4.05 19.43
N ASP A 18 13.95 -3.72 19.08
CA ASP A 18 14.96 -3.26 20.03
C ASP A 18 14.67 -1.78 20.31
N PRO A 19 14.42 -1.43 21.60
CA PRO A 19 14.12 -0.05 22.02
C PRO A 19 15.24 0.92 21.63
N ALA A 20 16.46 0.41 21.71
CA ALA A 20 17.68 1.15 21.40
C ALA A 20 17.78 1.62 19.95
N HIS A 21 17.00 0.99 19.07
CA HIS A 21 16.99 1.31 17.65
C HIS A 21 15.83 2.21 17.19
N VAL A 22 14.93 2.50 18.11
CA VAL A 22 13.77 3.37 17.86
C VAL A 22 14.25 4.74 18.34
N VAL A 23 14.46 5.66 17.40
CA VAL A 23 14.99 7.00 17.69
C VAL A 23 14.09 8.18 17.99
N ARG A 24 14.49 8.93 19.02
CA ARG A 24 13.82 10.15 19.47
C ARG A 24 14.38 11.28 18.58
N THR A 25 13.49 12.10 18.06
CA THR A 25 13.92 13.21 17.22
C THR A 25 13.97 14.51 18.00
N ASN A 26 15.06 15.24 17.78
CA ASN A 26 15.41 16.58 18.30
C ASN A 26 16.89 16.90 18.37
N GLY A 27 17.19 18.11 18.85
CA GLY A 27 18.53 18.64 18.91
C GLY A 27 18.48 19.77 17.89
N ALA A 28 17.26 20.28 17.70
CA ALA A 28 16.92 21.35 16.75
C ALA A 28 16.93 22.74 17.40
N PRO A 29 17.19 23.81 16.60
CA PRO A 29 17.21 25.17 17.17
C PRO A 29 15.84 25.64 17.65
N ASP A 30 15.79 26.11 18.89
CA ASP A 30 14.57 26.61 19.51
C ASP A 30 13.99 27.78 18.72
N MET A 31 12.73 27.62 18.33
CA MET A 31 12.01 28.66 17.60
C MET A 31 10.58 28.71 18.13
N SER A 32 10.10 29.94 18.37
CA SER A 32 8.75 30.19 18.89
C SER A 32 7.64 29.80 17.91
N GLU A 33 6.40 29.84 18.37
CA GLU A 33 5.23 29.48 17.56
C GLU A 33 5.08 30.35 16.30
N SER A 34 5.29 31.65 16.48
CA SER A 34 5.20 32.64 15.42
C SER A 34 6.29 32.42 14.38
N GLU A 35 7.48 32.06 14.86
CA GLU A 35 8.65 31.80 14.03
C GLU A 35 8.53 30.48 13.25
N PHE A 36 7.93 29.47 13.89
CA PHE A 36 7.71 28.16 13.29
C PHE A 36 6.63 28.25 12.22
N ASN A 37 5.56 29.00 12.51
CA ASN A 37 4.46 29.17 11.58
C ASN A 37 4.79 30.06 10.39
N GLU A 38 5.73 30.99 10.57
CA GLU A 38 6.17 31.89 9.49
C GLU A 38 6.98 31.08 8.48
N ALA A 39 7.79 30.17 9.00
CA ALA A 39 8.64 29.29 8.21
C ALA A 39 7.83 28.20 7.50
N LYS A 40 6.86 27.61 8.22
CA LYS A 40 5.98 26.57 7.68
C LYS A 40 5.13 27.10 6.53
N GLN A 41 4.81 28.40 6.59
CA GLN A 41 4.03 29.12 5.57
C GLN A 41 4.87 29.22 4.29
N ILE A 42 6.12 29.65 4.43
CA ILE A 42 7.08 29.78 3.32
C ILE A 42 7.34 28.40 2.69
N TYR A 43 7.46 27.37 3.54
CA TYR A 43 7.71 26.00 3.08
C TYR A 43 6.67 25.48 2.08
N PHE A 44 5.39 25.58 2.43
CA PHE A 44 4.32 25.10 1.56
C PHE A 44 4.04 26.01 0.38
N GLN A 45 4.48 27.26 0.47
CA GLN A 45 4.31 28.23 -0.61
C GLN A 45 5.43 28.15 -1.66
N ARG A 46 6.65 27.90 -1.17
CA ARG A 46 7.84 27.87 -2.01
C ARG A 46 8.69 26.59 -2.12
N CYS A 47 8.61 25.70 -1.13
CA CYS A 47 9.46 24.49 -1.14
C CYS A 47 8.85 23.10 -1.29
N ALA A 48 7.58 22.95 -0.90
CA ALA A 48 6.88 21.67 -0.92
C ALA A 48 6.76 20.90 -2.22
N GLY A 49 6.58 21.62 -3.33
CA GLY A 49 6.44 21.00 -4.64
C GLY A 49 7.58 20.07 -5.02
N CYS A 50 8.81 20.54 -4.81
CA CYS A 50 10.00 19.77 -5.14
C CYS A 50 10.52 18.85 -4.04
N HIS A 51 10.37 19.28 -2.79
CA HIS A 51 10.87 18.50 -1.66
C HIS A 51 9.89 17.57 -0.98
N GLY A 52 8.62 17.72 -1.33
CA GLY A 52 7.57 16.90 -0.76
C GLY A 52 7.04 17.45 0.55
N VAL A 53 5.81 17.05 0.85
CA VAL A 53 5.06 17.44 2.04
C VAL A 53 5.72 16.93 3.34
N LEU A 54 6.31 15.74 3.28
CA LEU A 54 6.96 15.11 4.42
C LEU A 54 8.48 15.25 4.41
N ARG A 55 9.00 16.00 3.43
CA ARG A 55 10.44 16.26 3.25
C ARG A 55 11.35 15.07 3.00
N LYS A 56 10.79 13.99 2.46
CA LYS A 56 11.58 12.80 2.18
C LYS A 56 12.24 12.87 0.81
N GLY A 57 11.92 13.94 0.08
CA GLY A 57 12.49 14.17 -1.23
C GLY A 57 11.71 13.67 -2.42
N ALA A 58 11.68 14.51 -3.44
CA ALA A 58 11.03 14.23 -4.71
C ALA A 58 12.08 14.69 -5.73
N THR A 59 11.81 15.75 -6.51
CA THR A 59 12.79 16.30 -7.47
C THR A 59 13.98 16.78 -6.63
N GLY A 60 13.63 17.31 -5.45
CA GLY A 60 14.60 17.80 -4.49
C GLY A 60 15.09 16.71 -3.57
N LYS A 61 16.24 16.96 -2.93
CA LYS A 61 16.91 16.06 -1.98
C LYS A 61 16.16 15.93 -0.64
N PRO A 62 16.44 14.87 0.15
CA PRO A 62 15.74 14.75 1.44
C PRO A 62 16.10 15.86 2.43
N LEU A 63 15.07 16.46 3.05
CA LEU A 63 15.28 17.53 4.04
C LEU A 63 14.82 17.10 5.44
N THR A 64 15.08 15.82 5.73
CA THR A 64 14.75 15.14 6.96
C THR A 64 15.81 15.53 8.03
N PRO A 65 15.44 15.66 9.33
CA PRO A 65 16.34 16.01 10.44
C PRO A 65 17.72 15.38 10.47
N ASP A 66 17.80 14.10 10.11
CA ASP A 66 19.07 13.36 10.09
C ASP A 66 20.11 14.00 9.17
N ILE A 67 19.67 14.47 8.01
CA ILE A 67 20.52 15.10 7.01
C ILE A 67 20.78 16.58 7.30
N THR A 68 19.73 17.35 7.61
CA THR A 68 19.85 18.79 7.88
C THR A 68 20.64 19.19 9.13
N GLN A 69 20.48 18.43 10.22
CA GLN A 69 21.22 18.70 11.47
C GLN A 69 22.72 18.36 11.28
N GLN A 70 23.00 17.41 10.37
CA GLN A 70 24.35 16.97 10.03
C GLN A 70 25.04 18.10 9.24
N ARG A 71 24.29 18.73 8.32
CA ARG A 71 24.78 19.84 7.53
C ARG A 71 25.12 21.05 8.42
N GLY A 72 24.27 21.31 9.41
CA GLY A 72 24.48 22.42 10.32
C GLY A 72 23.80 23.69 9.86
N GLN A 73 23.53 24.59 10.79
CA GLN A 73 22.85 25.88 10.52
C GLN A 73 23.45 26.74 9.40
N GLN A 74 24.78 26.90 9.40
CA GLN A 74 25.47 27.70 8.39
C GLN A 74 25.47 27.15 6.96
N TYR A 75 25.61 25.82 6.81
CA TYR A 75 25.61 25.16 5.49
C TYR A 75 24.23 25.41 4.87
N LEU A 76 23.19 25.13 5.64
CA LEU A 76 21.81 25.30 5.20
C LEU A 76 21.49 26.71 4.75
N GLU A 77 21.93 27.71 5.52
CA GLU A 77 21.72 29.11 5.19
C GLU A 77 22.39 29.50 3.89
N ALA A 78 23.60 28.96 3.67
CA ALA A 78 24.38 29.22 2.47
C ALA A 78 23.74 28.58 1.23
N LEU A 79 23.24 27.34 1.35
CA LEU A 79 22.62 26.66 0.21
C LEU A 79 21.28 27.27 -0.18
N ILE A 80 20.48 27.68 0.81
CA ILE A 80 19.19 28.30 0.53
C ILE A 80 19.42 29.67 -0.12
N THR A 81 20.51 30.33 0.26
CA THR A 81 20.86 31.65 -0.28
C THR A 81 21.30 31.61 -1.76
N TYR A 82 22.35 30.83 -2.06
CA TYR A 82 22.88 30.74 -3.42
C TYR A 82 22.33 29.66 -4.34
N GLY A 83 21.72 28.62 -3.76
CA GLY A 83 21.18 27.52 -4.55
C GLY A 83 22.31 26.64 -5.11
N THR A 84 21.99 25.89 -6.16
CA THR A 84 22.93 24.98 -6.85
C THR A 84 22.55 25.00 -8.36
N PRO A 85 23.43 24.46 -9.26
CA PRO A 85 23.05 24.46 -10.68
C PRO A 85 22.13 23.29 -11.10
N LEU A 86 21.88 22.37 -10.17
CA LEU A 86 21.07 21.19 -10.42
C LEU A 86 19.58 21.25 -10.05
N GLY A 87 18.96 22.41 -10.27
CA GLY A 87 17.54 22.58 -9.98
C GLY A 87 17.15 23.26 -8.69
N MET A 88 18.12 23.66 -7.88
CA MET A 88 17.82 24.33 -6.62
C MET A 88 17.94 25.85 -6.77
N PRO A 89 16.81 26.58 -6.68
CA PRO A 89 16.80 28.04 -6.81
C PRO A 89 17.53 28.84 -5.74
N ASN A 90 18.03 29.99 -6.17
CA ASN A 90 18.78 30.90 -5.32
C ASN A 90 17.85 31.86 -4.61
N TRP A 91 17.33 31.44 -3.46
CA TRP A 91 16.39 32.27 -2.69
C TRP A 91 16.93 33.59 -2.13
N GLY A 92 18.24 33.66 -1.89
CA GLY A 92 18.85 34.87 -1.35
C GLY A 92 19.50 35.76 -2.39
N SER A 93 20.22 35.16 -3.34
CA SER A 93 20.89 35.89 -4.41
C SER A 93 19.89 36.66 -5.28
N SER A 94 18.75 36.02 -5.57
CA SER A 94 17.67 36.61 -6.38
C SER A 94 16.88 37.64 -5.55
N GLY A 95 17.12 37.63 -4.24
CA GLY A 95 16.45 38.55 -3.34
C GLY A 95 14.99 38.22 -3.13
N GLU A 96 14.66 36.96 -3.32
CA GLU A 96 13.29 36.47 -3.17
C GLU A 96 12.91 36.32 -1.69
N LEU A 97 13.86 35.84 -0.90
CA LEU A 97 13.67 35.68 0.54
C LEU A 97 14.71 36.52 1.27
N SER A 98 14.31 37.11 2.39
CA SER A 98 15.20 37.94 3.21
C SER A 98 16.15 37.04 4.00
N LYS A 99 17.28 37.60 4.45
CA LYS A 99 18.29 36.85 5.22
C LYS A 99 17.74 36.31 6.55
N GLU A 100 16.71 36.98 7.06
CA GLU A 100 16.03 36.65 8.31
C GLU A 100 15.07 35.48 8.09
N GLN A 101 14.48 35.42 6.89
CA GLN A 101 13.55 34.35 6.51
C GLN A 101 14.31 33.04 6.22
N ILE A 102 15.47 33.18 5.58
CA ILE A 102 16.36 32.08 5.22
C ILE A 102 16.89 31.39 6.49
N THR A 103 17.10 32.18 7.54
CA THR A 103 17.58 31.67 8.84
C THR A 103 16.47 30.85 9.50
N LEU A 104 15.23 31.35 9.41
CA LEU A 104 14.06 30.68 9.95
C LEU A 104 13.83 29.35 9.24
N MET A 105 14.06 29.36 7.93
CA MET A 105 13.92 28.17 7.08
C MET A 105 14.96 27.11 7.42
N ALA A 106 16.18 27.57 7.71
CA ALA A 106 17.30 26.70 8.08
C ALA A 106 17.06 26.01 9.41
N LYS A 107 16.41 26.75 10.32
CA LYS A 107 16.06 26.26 11.65
C LYS A 107 14.87 25.31 11.59
N TYR A 108 13.94 25.60 10.67
CA TYR A 108 12.71 24.83 10.45
C TYR A 108 12.97 23.42 9.94
N ILE A 109 13.75 23.32 8.87
CA ILE A 109 14.08 22.03 8.28
C ILE A 109 14.91 21.11 9.17
N GLN A 110 15.31 21.63 10.33
CA GLN A 110 16.08 20.89 11.33
C GLN A 110 15.15 20.25 12.37
N HIS A 111 13.86 20.60 12.29
CA HIS A 111 12.82 20.05 13.16
C HIS A 111 12.13 18.91 12.43
N THR A 112 11.34 18.13 13.19
CA THR A 112 10.54 17.02 12.67
C THR A 112 9.50 17.64 11.72
N PRO A 113 9.28 17.03 10.52
CA PRO A 113 8.27 17.61 9.61
C PRO A 113 6.87 17.59 10.23
N PRO A 114 6.14 18.72 10.17
CA PRO A 114 4.77 18.78 10.73
C PRO A 114 3.88 17.83 9.93
N GLN A 115 2.85 17.27 10.56
CA GLN A 115 1.97 16.33 9.88
C GLN A 115 0.65 16.87 9.33
N PRO A 116 0.38 16.61 8.04
CA PRO A 116 -0.85 17.07 7.37
C PRO A 116 -1.98 16.09 7.70
N PRO A 117 -3.24 16.48 7.48
CA PRO A 117 -4.25 15.49 7.83
C PRO A 117 -4.40 14.40 6.76
N GLU A 118 -5.07 13.32 7.14
CA GLU A 118 -5.37 12.24 6.21
C GLU A 118 -6.71 12.64 5.58
N TRP A 119 -7.19 11.85 4.62
CA TRP A 119 -8.46 12.13 3.96
C TRP A 119 -9.05 10.81 3.50
N GLY A 120 -9.91 10.24 4.35
CA GLY A 120 -10.55 8.98 4.04
C GLY A 120 -12.01 9.10 3.63
N MET A 121 -12.73 7.98 3.79
CA MET A 121 -14.15 7.90 3.44
C MET A 121 -15.07 8.85 4.21
N PRO A 122 -14.87 9.04 5.54
CA PRO A 122 -15.76 9.98 6.25
C PRO A 122 -15.68 11.39 5.67
N GLU A 123 -14.46 11.84 5.40
CA GLU A 123 -14.19 13.16 4.83
C GLU A 123 -14.67 13.28 3.38
N MET A 124 -14.53 12.20 2.61
CA MET A 124 -14.97 12.17 1.21
C MET A 124 -16.48 12.24 1.06
N ARG A 125 -17.19 11.49 1.91
CA ARG A 125 -18.65 11.44 1.91
C ARG A 125 -19.24 12.78 2.38
N GLU A 126 -18.55 13.41 3.33
CA GLU A 126 -18.94 14.70 3.89
C GLU A 126 -18.86 15.79 2.80
N SER A 127 -17.88 15.64 1.91
CA SER A 127 -17.69 16.58 0.81
C SER A 127 -18.54 16.24 -0.43
N TRP A 128 -19.07 15.02 -0.45
CA TRP A 128 -19.90 14.54 -1.56
C TRP A 128 -21.30 15.12 -1.59
N LYS A 129 -21.64 15.71 -2.73
CA LYS A 129 -22.93 16.34 -2.99
C LYS A 129 -23.46 15.93 -4.36
N VAL A 130 -24.76 15.65 -4.42
CA VAL A 130 -25.44 15.32 -5.67
C VAL A 130 -26.33 16.55 -5.84
N LEU A 131 -25.98 17.42 -6.79
CA LEU A 131 -26.76 18.63 -7.03
C LEU A 131 -28.03 18.38 -7.82
N VAL A 132 -27.95 17.45 -8.78
CA VAL A 132 -29.11 17.06 -9.59
C VAL A 132 -29.08 15.54 -9.68
N LYS A 133 -30.12 14.90 -9.15
CA LYS A 133 -30.28 13.43 -9.15
C LYS A 133 -30.42 12.88 -10.58
N PRO A 134 -29.87 11.67 -10.86
CA PRO A 134 -29.95 11.07 -12.21
C PRO A 134 -31.34 11.04 -12.88
N GLU A 135 -32.37 10.80 -12.05
CA GLU A 135 -33.76 10.73 -12.50
C GLU A 135 -34.31 12.13 -12.88
N ASP A 136 -33.76 13.16 -12.26
CA ASP A 136 -34.17 14.56 -12.50
C ASP A 136 -33.36 15.22 -13.63
N ARG A 137 -32.37 14.51 -14.16
CA ARG A 137 -31.52 14.99 -15.25
C ARG A 137 -32.20 14.75 -16.60
N PRO A 138 -31.89 15.57 -17.63
CA PRO A 138 -32.49 15.42 -18.97
C PRO A 138 -32.34 14.05 -19.63
N LYS A 139 -33.23 13.78 -20.59
CA LYS A 139 -33.21 12.51 -21.32
C LYS A 139 -32.66 12.69 -22.73
N LYS A 140 -32.55 13.94 -23.15
CA LYS A 140 -32.01 14.35 -24.46
C LYS A 140 -31.26 15.67 -24.24
N GLN A 141 -30.59 16.16 -25.29
CA GLN A 141 -29.86 17.44 -25.22
C GLN A 141 -30.85 18.61 -25.27
N LEU A 142 -30.96 19.34 -24.17
CA LEU A 142 -31.89 20.47 -24.07
C LEU A 142 -31.32 21.84 -24.49
N ASN A 143 -30.38 21.81 -25.45
CA ASN A 143 -29.76 23.01 -26.00
C ASN A 143 -29.31 22.79 -27.44
N ASP A 144 -29.02 23.88 -28.12
CA ASP A 144 -28.59 23.86 -29.52
C ASP A 144 -27.08 24.01 -29.68
N LEU A 145 -26.35 23.74 -28.60
CA LEU A 145 -24.89 23.84 -28.63
C LEU A 145 -24.26 22.70 -29.39
N ASP A 146 -23.19 23.00 -30.10
CA ASP A 146 -22.44 22.01 -30.86
C ASP A 146 -21.45 21.43 -29.85
N LEU A 147 -21.96 20.54 -28.99
CA LEU A 147 -21.18 19.91 -27.94
C LEU A 147 -19.83 19.30 -28.35
N PRO A 148 -19.75 18.58 -29.51
CA PRO A 148 -18.44 18.02 -29.89
C PRO A 148 -17.32 19.04 -30.14
N ASN A 149 -17.67 20.24 -30.58
CA ASN A 149 -16.66 21.28 -30.87
C ASN A 149 -16.49 22.33 -29.76
N LEU A 150 -16.95 22.01 -28.56
CA LEU A 150 -16.85 22.90 -27.40
C LEU A 150 -15.47 22.73 -26.74
N PHE A 151 -14.94 23.83 -26.19
CA PHE A 151 -13.64 23.80 -25.51
C PHE A 151 -13.83 24.05 -24.02
N SER A 152 -13.12 23.30 -23.18
CA SER A 152 -13.19 23.48 -21.74
C SER A 152 -11.86 24.13 -21.33
N VAL A 153 -11.91 25.45 -21.19
CA VAL A 153 -10.75 26.27 -20.82
C VAL A 153 -10.70 26.57 -19.33
N THR A 154 -9.55 26.30 -18.72
CA THR A 154 -9.34 26.53 -17.30
C THR A 154 -9.01 28.01 -17.07
N LEU A 155 -9.69 28.61 -16.09
CA LEU A 155 -9.45 30.00 -15.71
C LEU A 155 -8.79 29.87 -14.33
N ARG A 156 -7.54 29.40 -14.34
CA ARG A 156 -6.71 29.10 -13.17
C ARG A 156 -6.95 29.77 -11.82
N ASP A 157 -6.41 30.98 -11.64
CA ASP A 157 -6.52 31.72 -10.38
C ASP A 157 -7.93 32.10 -9.92
N ALA A 158 -8.89 32.10 -10.84
CA ALA A 158 -10.27 32.45 -10.56
C ALA A 158 -11.08 31.29 -9.96
N GLY A 159 -10.54 30.07 -10.07
CA GLY A 159 -11.21 28.88 -9.57
C GLY A 159 -12.44 28.55 -10.40
N GLN A 160 -12.33 28.78 -11.71
CA GLN A 160 -13.42 28.57 -12.66
C GLN A 160 -12.94 27.94 -13.97
N ILE A 161 -13.91 27.54 -14.80
CA ILE A 161 -13.66 27.02 -16.15
C ILE A 161 -14.61 27.79 -17.08
N ALA A 162 -14.29 27.80 -18.37
CA ALA A 162 -15.11 28.48 -19.36
C ALA A 162 -15.35 27.56 -20.56
N LEU A 163 -16.60 27.50 -21.00
CA LEU A 163 -16.96 26.69 -22.15
C LEU A 163 -17.00 27.63 -23.34
N VAL A 164 -16.05 27.45 -24.26
CA VAL A 164 -15.97 28.30 -25.44
C VAL A 164 -16.42 27.54 -26.69
N ASP A 165 -17.35 28.14 -27.44
CA ASP A 165 -17.88 27.56 -28.68
C ASP A 165 -16.79 27.65 -29.73
N GLY A 166 -16.42 26.48 -30.25
CA GLY A 166 -15.37 26.37 -31.25
C GLY A 166 -15.53 27.24 -32.48
N ASP A 167 -16.72 27.24 -33.06
CA ASP A 167 -17.00 28.01 -34.27
C ASP A 167 -17.19 29.52 -34.10
N SER A 168 -17.98 29.95 -33.12
CA SER A 168 -18.27 31.38 -32.89
C SER A 168 -17.18 32.18 -32.17
N LYS A 169 -16.34 31.47 -31.38
CA LYS A 169 -15.24 32.02 -30.57
C LYS A 169 -15.70 32.79 -29.35
N LYS A 170 -16.91 32.48 -28.86
CA LYS A 170 -17.50 33.15 -27.71
C LYS A 170 -17.64 32.26 -26.48
N ILE A 171 -17.61 32.88 -25.31
CA ILE A 171 -17.76 32.16 -24.05
C ILE A 171 -19.27 31.93 -23.87
N VAL A 172 -19.63 30.65 -23.81
CA VAL A 172 -21.01 30.21 -23.66
C VAL A 172 -21.43 30.20 -22.17
N LYS A 173 -20.51 29.78 -21.30
CA LYS A 173 -20.78 29.70 -19.86
C LYS A 173 -19.51 29.65 -19.01
N VAL A 174 -19.52 30.35 -17.88
CA VAL A 174 -18.40 30.35 -16.94
C VAL A 174 -18.97 29.62 -15.69
N ILE A 175 -18.26 28.59 -15.24
CA ILE A 175 -18.71 27.78 -14.10
C ILE A 175 -17.70 27.79 -12.93
N ASP A 176 -18.21 27.93 -11.70
CA ASP A 176 -17.39 27.92 -10.48
C ASP A 176 -16.99 26.48 -10.19
N THR A 177 -15.68 26.26 -10.10
CA THR A 177 -15.11 24.94 -9.86
C THR A 177 -14.15 24.94 -8.66
N GLY A 178 -13.20 24.00 -8.66
CA GLY A 178 -12.20 23.94 -7.60
C GLY A 178 -11.10 24.92 -7.95
N TYR A 179 -10.22 25.22 -7.00
CA TYR A 179 -9.13 26.16 -7.26
C TYR A 179 -8.10 25.56 -8.22
N ALA A 180 -7.76 26.35 -9.23
CA ALA A 180 -6.78 26.00 -10.26
C ALA A 180 -6.94 24.61 -10.88
N VAL A 181 -7.98 24.47 -11.70
CA VAL A 181 -8.28 23.22 -12.38
C VAL A 181 -7.09 22.79 -13.23
N HIS A 182 -6.67 21.55 -13.02
CA HIS A 182 -5.53 21.05 -13.76
C HIS A 182 -5.89 20.52 -15.14
N ILE A 183 -6.87 19.61 -15.20
CA ILE A 183 -7.32 19.04 -16.46
C ILE A 183 -8.84 18.90 -16.58
N SER A 184 -9.30 18.68 -17.82
CA SER A 184 -10.70 18.46 -18.12
C SER A 184 -10.72 17.14 -18.86
N ARG A 185 -11.71 16.30 -18.54
CA ARG A 185 -11.91 15.00 -19.17
C ARG A 185 -13.38 14.82 -19.48
N MET A 186 -13.67 14.09 -20.54
CA MET A 186 -15.04 13.82 -20.94
C MET A 186 -15.40 12.39 -20.59
N SER A 187 -16.69 12.12 -20.39
CA SER A 187 -17.19 10.77 -20.11
C SER A 187 -17.24 10.05 -21.46
N ALA A 188 -17.29 8.72 -21.45
CA ALA A 188 -17.33 7.93 -22.68
C ALA A 188 -18.53 8.16 -23.60
N SER A 189 -19.64 8.63 -23.03
CA SER A 189 -20.88 8.94 -23.76
C SER A 189 -20.80 10.30 -24.46
N GLY A 190 -19.98 11.20 -23.90
CA GLY A 190 -19.82 12.53 -24.44
C GLY A 190 -20.78 13.54 -23.87
N ARG A 191 -21.48 13.12 -22.81
CA ARG A 191 -22.47 13.95 -22.13
C ARG A 191 -21.89 14.72 -20.95
N TYR A 192 -21.07 14.05 -20.15
CA TYR A 192 -20.48 14.67 -18.97
C TYR A 192 -19.04 15.17 -19.05
N LEU A 193 -18.84 16.40 -18.55
CA LEU A 193 -17.52 17.02 -18.50
C LEU A 193 -17.06 16.89 -17.04
N LEU A 194 -15.86 16.35 -16.88
CA LEU A 194 -15.25 16.14 -15.56
C LEU A 194 -14.04 17.04 -15.40
N VAL A 195 -14.03 17.86 -14.35
CA VAL A 195 -12.92 18.76 -14.05
C VAL A 195 -12.47 18.56 -12.59
N ILE A 196 -11.16 18.68 -12.36
CA ILE A 196 -10.58 18.53 -11.01
C ILE A 196 -9.60 19.66 -10.69
N GLY A 197 -9.76 20.23 -9.49
CA GLY A 197 -8.89 21.30 -9.03
C GLY A 197 -7.64 20.73 -8.39
N ARG A 198 -6.62 21.56 -8.18
CA ARG A 198 -5.40 21.09 -7.54
C ARG A 198 -5.63 20.87 -6.05
N ASP A 199 -6.80 21.33 -5.59
CA ASP A 199 -7.23 21.21 -4.20
C ASP A 199 -8.04 19.90 -4.01
N ALA A 200 -8.04 19.08 -5.07
CA ALA A 200 -8.72 17.80 -5.15
C ALA A 200 -10.25 17.81 -5.21
N ARG A 201 -10.82 18.97 -5.52
CA ARG A 201 -12.26 19.10 -5.65
C ARG A 201 -12.64 18.78 -7.11
N ILE A 202 -13.53 17.80 -7.28
CA ILE A 202 -14.01 17.37 -8.61
C ILE A 202 -15.41 17.94 -8.83
N ASP A 203 -15.69 18.32 -10.08
CA ASP A 203 -17.00 18.85 -10.49
C ASP A 203 -17.43 18.11 -11.76
N MET A 204 -18.65 17.57 -11.74
CA MET A 204 -19.24 16.83 -12.86
C MET A 204 -20.31 17.73 -13.52
N ILE A 205 -20.10 18.08 -14.79
CA ILE A 205 -21.00 18.96 -15.53
C ILE A 205 -21.80 18.26 -16.63
N ASP A 206 -23.12 18.46 -16.62
CA ASP A 206 -24.05 17.89 -17.61
C ASP A 206 -24.16 18.88 -18.78
N LEU A 207 -23.65 18.48 -19.93
CA LEU A 207 -23.70 19.30 -21.13
C LEU A 207 -25.05 19.24 -21.84
N TRP A 208 -25.97 18.41 -21.32
CA TRP A 208 -27.31 18.23 -21.87
C TRP A 208 -28.41 19.11 -21.27
N ALA A 209 -28.14 19.70 -20.10
CA ALA A 209 -29.10 20.59 -19.44
C ALA A 209 -29.29 21.88 -20.24
N LYS A 210 -30.37 22.62 -19.98
CA LYS A 210 -30.70 23.89 -20.68
C LYS A 210 -29.46 24.76 -20.90
N GLU A 211 -28.70 24.86 -19.83
CA GLU A 211 -27.44 25.56 -19.75
C GLU A 211 -26.57 24.52 -19.02
N PRO A 212 -25.36 24.23 -19.55
CA PRO A 212 -24.48 23.25 -18.91
C PRO A 212 -24.25 23.53 -17.42
N THR A 213 -24.85 22.70 -16.58
CA THR A 213 -24.74 22.84 -15.15
C THR A 213 -24.15 21.64 -14.41
N LYS A 214 -23.65 21.92 -13.22
CA LYS A 214 -23.05 20.92 -12.33
C LYS A 214 -24.10 20.02 -11.70
N VAL A 215 -23.85 18.71 -11.77
CA VAL A 215 -24.76 17.70 -11.22
C VAL A 215 -24.25 17.01 -9.95
N ALA A 216 -22.94 17.10 -9.72
CA ALA A 216 -22.28 16.50 -8.56
C ALA A 216 -20.89 17.05 -8.29
N GLU A 217 -20.45 16.93 -7.03
CA GLU A 217 -19.13 17.35 -6.58
C GLU A 217 -18.63 16.53 -5.39
N ILE A 218 -17.30 16.47 -5.24
CA ILE A 218 -16.63 15.72 -4.17
C ILE A 218 -15.16 16.16 -4.07
N LYS A 219 -14.56 15.97 -2.90
CA LYS A 219 -13.15 16.30 -2.66
C LYS A 219 -12.45 14.97 -2.28
N ILE A 220 -11.52 14.53 -3.13
CA ILE A 220 -10.80 13.27 -2.96
C ILE A 220 -9.44 13.27 -2.23
N GLY A 221 -9.02 14.43 -1.75
CA GLY A 221 -7.76 14.57 -1.03
C GLY A 221 -7.53 16.03 -0.67
N ILE A 222 -6.30 16.38 -0.29
CA ILE A 222 -5.94 17.76 0.04
C ILE A 222 -5.31 18.39 -1.22
N GLU A 223 -4.62 17.55 -2.00
CA GLU A 223 -3.97 17.97 -3.25
C GLU A 223 -4.09 16.85 -4.31
N ALA A 224 -4.40 17.23 -5.56
CA ALA A 224 -4.56 16.29 -6.67
C ALA A 224 -4.25 16.90 -8.02
N ARG A 225 -4.24 16.06 -9.07
CA ARG A 225 -3.95 16.49 -10.44
C ARG A 225 -4.78 15.82 -11.53
N SER A 226 -5.07 14.53 -11.37
CA SER A 226 -5.80 13.79 -12.41
C SER A 226 -7.16 13.17 -12.11
N VAL A 227 -8.01 13.11 -13.15
CA VAL A 227 -9.35 12.51 -13.11
C VAL A 227 -9.53 11.75 -14.44
N GLU A 228 -10.30 10.67 -14.43
CA GLU A 228 -10.56 9.86 -15.63
C GLU A 228 -11.85 9.05 -15.52
N SER A 229 -12.37 8.63 -16.67
CA SER A 229 -13.60 7.84 -16.76
C SER A 229 -13.35 6.51 -17.45
N SER A 230 -14.18 5.52 -17.11
CA SER A 230 -14.12 4.17 -17.67
C SER A 230 -14.48 4.16 -19.17
N LYS A 231 -13.54 3.66 -19.99
CA LYS A 231 -13.74 3.62 -21.43
C LYS A 231 -13.84 2.25 -22.12
N PHE A 232 -13.86 1.17 -21.33
CA PHE A 232 -13.98 -0.19 -21.89
C PHE A 232 -15.42 -0.44 -22.29
N LYS A 233 -15.60 -1.17 -23.39
CA LYS A 233 -16.92 -1.48 -23.93
C LYS A 233 -17.84 -2.19 -22.94
N GLY A 234 -18.99 -1.56 -22.72
CA GLY A 234 -19.98 -2.07 -21.79
C GLY A 234 -19.88 -1.36 -20.46
N TYR A 235 -18.97 -0.37 -20.38
CA TYR A 235 -18.74 0.39 -19.15
C TYR A 235 -18.81 1.92 -19.28
N GLU A 236 -19.60 2.41 -20.24
CA GLU A 236 -19.78 3.85 -20.45
C GLU A 236 -20.37 4.49 -19.20
N ASP A 237 -19.69 5.52 -18.70
CA ASP A 237 -20.08 6.30 -17.51
C ASP A 237 -20.27 5.48 -16.21
N ARG A 238 -19.64 4.31 -16.15
CA ARG A 238 -19.74 3.44 -14.97
C ARG A 238 -18.94 3.92 -13.78
N TYR A 239 -17.66 4.19 -13.99
CA TYR A 239 -16.77 4.66 -12.92
C TYR A 239 -15.90 5.85 -13.28
N THR A 240 -15.58 6.62 -12.24
CA THR A 240 -14.72 7.80 -12.34
C THR A 240 -13.61 7.60 -11.32
N ILE A 241 -12.37 7.79 -11.75
CA ILE A 241 -11.21 7.65 -10.87
C ILE A 241 -10.47 8.98 -10.80
N ALA A 242 -9.84 9.22 -9.66
CA ALA A 242 -9.07 10.42 -9.44
C ALA A 242 -7.85 10.09 -8.60
N GLY A 243 -6.73 10.74 -8.94
CA GLY A 243 -5.49 10.54 -8.21
C GLY A 243 -5.05 11.74 -7.42
N ALA A 244 -4.56 11.48 -6.20
CA ALA A 244 -4.10 12.53 -5.29
C ALA A 244 -2.62 12.55 -5.02
N TYR A 245 -2.10 13.75 -4.72
CA TYR A 245 -0.70 13.97 -4.35
C TYR A 245 -0.65 13.78 -2.84
N TRP A 246 -1.52 14.48 -2.11
CA TRP A 246 -1.60 14.33 -0.67
C TRP A 246 -3.06 14.13 -0.29
N PRO A 247 -3.41 12.98 0.34
CA PRO A 247 -2.59 11.80 0.71
C PRO A 247 -2.19 10.96 -0.50
N PRO A 248 -1.11 10.15 -0.40
CA PRO A 248 -0.70 9.33 -1.55
C PRO A 248 -1.76 8.25 -1.75
N GLN A 249 -2.71 8.56 -2.63
CA GLN A 249 -3.86 7.69 -2.91
C GLN A 249 -4.66 7.99 -4.18
N PHE A 250 -5.51 7.03 -4.55
CA PHE A 250 -6.44 7.19 -5.66
C PHE A 250 -7.83 6.76 -5.18
N ALA A 251 -8.86 7.28 -5.83
CA ALA A 251 -10.22 6.97 -5.44
C ALA A 251 -11.09 6.63 -6.63
N ILE A 252 -11.87 5.54 -6.49
CA ILE A 252 -12.80 5.11 -7.53
C ILE A 252 -14.19 5.49 -7.05
N MET A 253 -14.92 6.19 -7.92
CA MET A 253 -16.26 6.67 -7.66
C MET A 253 -17.27 6.16 -8.67
N ASP A 254 -18.56 6.38 -8.39
CA ASP A 254 -19.66 6.00 -9.27
C ASP A 254 -19.61 7.05 -10.37
N GLY A 255 -19.61 6.62 -11.63
CA GLY A 255 -19.53 7.57 -12.74
C GLY A 255 -20.79 8.31 -13.12
N GLU A 256 -21.83 8.17 -12.30
CA GLU A 256 -23.12 8.80 -12.53
C GLU A 256 -23.42 9.84 -11.43
N THR A 257 -23.06 9.51 -10.18
CA THR A 257 -23.32 10.36 -9.01
C THR A 257 -22.09 10.91 -8.24
N LEU A 258 -20.90 10.33 -8.53
CA LEU A 258 -19.60 10.65 -7.90
C LEU A 258 -19.47 10.07 -6.47
N GLU A 259 -20.28 9.04 -6.20
CA GLU A 259 -20.28 8.37 -4.90
C GLU A 259 -18.97 7.63 -4.63
N PRO A 260 -18.25 7.98 -3.53
CA PRO A 260 -16.97 7.31 -3.22
C PRO A 260 -17.19 5.83 -2.87
N LYS A 261 -16.54 4.96 -3.62
CA LYS A 261 -16.66 3.51 -3.43
C LYS A 261 -15.41 2.87 -2.84
N GLN A 262 -14.24 3.20 -3.41
CA GLN A 262 -12.96 2.65 -2.96
C GLN A 262 -11.86 3.71 -2.91
N ILE A 263 -10.99 3.61 -1.90
CA ILE A 263 -9.84 4.49 -1.73
C ILE A 263 -8.66 3.54 -1.50
N VAL A 264 -7.58 3.71 -2.27
CA VAL A 264 -6.41 2.85 -2.15
C VAL A 264 -5.14 3.69 -1.94
N SER A 265 -4.33 3.28 -0.96
CA SER A 265 -3.07 3.94 -0.65
C SER A 265 -1.97 3.55 -1.66
N THR A 266 -1.17 4.53 -2.11
CA THR A 266 -0.08 4.25 -3.04
C THR A 266 1.28 4.25 -2.33
N ARG A 267 1.25 4.29 -0.99
CA ARG A 267 2.46 4.24 -0.18
C ARG A 267 3.08 2.84 -0.32
N GLY A 268 4.34 2.79 -0.72
CA GLY A 268 4.98 1.51 -0.90
C GLY A 268 6.45 1.50 -1.25
N MET A 269 6.86 0.38 -1.83
CA MET A 269 8.24 0.14 -2.23
C MET A 269 8.57 0.65 -3.63
N THR A 270 9.80 1.12 -3.79
CA THR A 270 10.30 1.66 -5.05
C THR A 270 10.69 0.60 -6.06
N VAL A 271 10.84 0.99 -7.32
CA VAL A 271 11.22 0.07 -8.40
C VAL A 271 12.73 -0.07 -8.48
N ASP A 272 13.44 1.03 -8.25
CA ASP A 272 14.90 1.04 -8.33
C ASP A 272 15.67 0.46 -7.13
N THR A 273 15.40 0.99 -5.94
CA THR A 273 16.10 0.57 -4.73
C THR A 273 15.31 -0.46 -3.90
N GLN A 274 14.01 -0.55 -4.20
CA GLN A 274 13.07 -1.42 -3.49
C GLN A 274 13.03 -1.13 -1.98
N THR A 275 13.03 0.18 -1.69
CA THR A 275 12.94 0.69 -0.33
C THR A 275 11.60 1.41 -0.19
N TYR A 276 11.15 1.57 1.06
CA TYR A 276 9.89 2.23 1.35
C TYR A 276 9.91 3.75 1.09
N HIS A 277 8.82 4.22 0.50
CA HIS A 277 8.63 5.63 0.22
C HIS A 277 7.29 6.05 0.81
N PRO A 278 7.30 7.02 1.76
CA PRO A 278 6.09 7.52 2.42
C PRO A 278 5.25 8.56 1.67
N GLU A 279 5.68 8.94 0.46
CA GLU A 279 4.94 9.94 -0.33
C GLU A 279 4.96 9.70 -1.86
N PRO A 280 4.36 8.58 -2.32
CA PRO A 280 4.34 8.32 -3.77
C PRO A 280 3.08 8.95 -4.37
N ARG A 281 3.29 10.10 -4.97
CA ARG A 281 2.24 10.88 -5.60
C ARG A 281 1.64 10.22 -6.84
N VAL A 282 0.34 10.39 -7.04
CA VAL A 282 -0.33 9.84 -8.21
C VAL A 282 -0.29 10.87 -9.32
N ALA A 283 0.14 10.41 -10.50
CA ALA A 283 0.24 11.27 -11.66
C ALA A 283 -0.84 10.95 -12.69
N ALA A 284 -0.44 10.74 -13.95
CA ALA A 284 -1.38 10.46 -15.03
C ALA A 284 -2.17 9.18 -14.91
N ILE A 285 -3.44 9.29 -15.30
CA ILE A 285 -4.35 8.16 -15.31
C ILE A 285 -5.00 8.13 -16.68
N ILE A 286 -5.02 6.94 -17.29
CA ILE A 286 -5.61 6.73 -18.60
C ILE A 286 -6.45 5.45 -18.56
N ALA A 287 -7.63 5.49 -19.19
CA ALA A 287 -8.54 4.35 -19.21
C ALA A 287 -8.25 3.40 -20.38
N SER A 288 -8.18 2.11 -20.06
CA SER A 288 -7.92 1.06 -21.02
C SER A 288 -9.12 0.73 -21.91
N HIS A 289 -8.82 0.40 -23.15
CA HIS A 289 -9.81 0.03 -24.16
C HIS A 289 -9.72 -1.47 -24.39
N GLU A 290 -8.62 -2.06 -23.91
CA GLU A 290 -8.37 -3.48 -24.07
C GLU A 290 -8.88 -4.39 -22.95
N HIS A 291 -8.96 -3.85 -21.73
CA HIS A 291 -9.41 -4.59 -20.53
C HIS A 291 -10.21 -3.65 -19.62
N PRO A 292 -11.06 -4.18 -18.70
CA PRO A 292 -11.82 -3.27 -17.81
C PRO A 292 -10.92 -2.69 -16.69
N GLU A 293 -9.94 -1.88 -17.08
CA GLU A 293 -8.97 -1.30 -16.15
C GLU A 293 -8.64 0.17 -16.36
N PHE A 294 -8.02 0.75 -15.31
CA PHE A 294 -7.53 2.11 -15.30
C PHE A 294 -6.02 1.90 -15.17
N ILE A 295 -5.26 2.70 -15.92
CA ILE A 295 -3.81 2.64 -15.91
C ILE A 295 -3.33 3.88 -15.13
N VAL A 296 -2.95 3.64 -13.88
CA VAL A 296 -2.51 4.68 -12.94
C VAL A 296 -0.99 4.79 -12.77
N ASN A 297 -0.46 6.00 -12.94
CA ASN A 297 0.98 6.27 -12.76
C ASN A 297 1.28 6.67 -11.31
N VAL A 298 2.24 5.97 -10.69
CA VAL A 298 2.67 6.30 -9.33
C VAL A 298 4.11 6.81 -9.46
N LYS A 299 4.26 8.12 -9.30
CA LYS A 299 5.51 8.86 -9.46
C LYS A 299 6.82 8.41 -8.79
N GLU A 300 7.00 8.76 -7.51
CA GLU A 300 8.23 8.44 -6.77
C GLU A 300 8.66 6.99 -6.70
N THR A 301 7.69 6.08 -6.73
CA THR A 301 7.99 4.66 -6.68
C THR A 301 8.22 4.07 -8.08
N GLY A 302 7.75 4.80 -9.09
CA GLY A 302 7.91 4.38 -10.49
C GLY A 302 7.14 3.16 -10.90
N LYS A 303 5.88 3.08 -10.44
CA LYS A 303 5.00 1.95 -10.72
C LYS A 303 3.79 2.33 -11.55
N VAL A 304 3.44 1.47 -12.51
CA VAL A 304 2.24 1.68 -13.34
C VAL A 304 1.29 0.58 -12.87
N LEU A 305 0.15 1.00 -12.33
CA LEU A 305 -0.86 0.09 -11.79
C LEU A 305 -2.05 -0.11 -12.70
N LEU A 306 -2.40 -1.38 -12.93
CA LEU A 306 -3.55 -1.73 -13.74
C LEU A 306 -4.64 -2.13 -12.76
N VAL A 307 -5.54 -1.17 -12.51
CA VAL A 307 -6.65 -1.28 -11.55
C VAL A 307 -7.92 -1.80 -12.21
N ASN A 308 -8.24 -3.08 -11.97
CA ASN A 308 -9.42 -3.69 -12.56
C ASN A 308 -10.71 -3.37 -11.82
N TYR A 309 -11.69 -2.87 -12.58
CA TYR A 309 -12.98 -2.50 -12.02
C TYR A 309 -14.17 -3.44 -12.33
N LYS A 310 -13.89 -4.67 -12.76
CA LYS A 310 -14.93 -5.68 -13.07
C LYS A 310 -15.73 -5.98 -11.81
N ASP A 311 -14.99 -6.18 -10.71
CA ASP A 311 -15.54 -6.43 -9.38
C ASP A 311 -14.91 -5.30 -8.56
N ILE A 312 -15.70 -4.25 -8.33
CA ILE A 312 -15.23 -3.08 -7.59
C ILE A 312 -15.15 -3.32 -6.07
N ASP A 313 -15.82 -4.37 -5.60
CA ASP A 313 -15.84 -4.75 -4.18
C ASP A 313 -14.56 -5.47 -3.77
N ASN A 314 -14.01 -6.27 -4.68
CA ASN A 314 -12.77 -7.01 -4.46
C ASN A 314 -11.85 -6.58 -5.61
N LEU A 315 -11.11 -5.49 -5.37
CA LEU A 315 -10.21 -4.91 -6.35
C LEU A 315 -8.95 -5.71 -6.67
N THR A 316 -8.66 -5.83 -7.96
CA THR A 316 -7.49 -6.55 -8.45
C THR A 316 -6.57 -5.53 -9.13
N VAL A 317 -5.35 -5.44 -8.60
CA VAL A 317 -4.34 -4.53 -9.11
C VAL A 317 -3.10 -5.31 -9.58
N THR A 318 -2.58 -4.93 -10.74
CA THR A 318 -1.36 -5.52 -11.30
C THR A 318 -0.34 -4.39 -11.27
N SER A 319 0.74 -4.60 -10.53
CA SER A 319 1.79 -3.61 -10.38
C SER A 319 2.97 -3.84 -11.33
N ILE A 320 3.09 -2.97 -12.33
CA ILE A 320 4.17 -3.04 -13.31
C ILE A 320 5.28 -2.05 -12.96
N GLY A 321 6.51 -2.54 -12.91
CA GLY A 321 7.66 -1.69 -12.62
C GLY A 321 8.08 -0.99 -13.90
N ALA A 322 8.38 0.31 -13.80
CA ALA A 322 8.81 1.10 -14.96
C ALA A 322 10.14 1.81 -14.67
N ALA A 323 10.07 3.09 -14.30
CA ALA A 323 11.25 3.89 -13.98
C ALA A 323 10.80 5.04 -13.07
N PRO A 324 11.67 5.52 -12.15
CA PRO A 324 11.28 6.62 -11.25
C PRO A 324 10.83 7.92 -11.91
N PHE A 325 9.94 8.63 -11.21
CA PHE A 325 9.39 9.92 -11.61
C PHE A 325 8.40 9.96 -12.77
N LEU A 326 7.50 8.97 -12.81
CA LEU A 326 6.44 8.87 -13.82
C LEU A 326 5.54 10.08 -13.71
N HIS A 327 5.25 10.70 -14.86
CA HIS A 327 4.44 11.90 -14.88
C HIS A 327 3.27 11.83 -15.85
N ASP A 328 3.40 12.46 -17.01
CA ASP A 328 2.37 12.52 -18.04
C ASP A 328 2.60 11.57 -19.21
N GLY A 329 1.53 11.36 -19.97
CA GLY A 329 1.61 10.48 -21.12
C GLY A 329 0.32 10.38 -21.89
N GLY A 330 0.34 9.56 -22.93
CA GLY A 330 -0.82 9.35 -23.77
C GLY A 330 -0.67 8.14 -24.66
N TRP A 331 -1.74 7.78 -25.35
CA TRP A 331 -1.77 6.64 -26.26
C TRP A 331 -0.99 6.87 -27.54
N ASP A 332 -0.62 5.76 -28.17
CA ASP A 332 0.05 5.77 -29.46
C ASP A 332 -1.12 5.91 -30.48
N SER A 333 -0.87 5.82 -31.78
CA SER A 333 -1.97 5.96 -32.74
C SER A 333 -3.04 4.86 -32.65
N SER A 334 -2.64 3.65 -32.27
CA SER A 334 -3.56 2.50 -32.17
C SER A 334 -4.34 2.35 -30.85
N HIS A 335 -4.06 3.23 -29.89
CA HIS A 335 -4.70 3.21 -28.56
C HIS A 335 -4.48 1.88 -27.82
N ARG A 336 -3.25 1.40 -27.86
CA ARG A 336 -2.87 0.13 -27.24
C ARG A 336 -1.65 0.28 -26.34
N TYR A 337 -0.76 1.19 -26.70
CA TYR A 337 0.47 1.43 -25.95
C TYR A 337 0.51 2.79 -25.26
N PHE A 338 0.53 2.76 -23.93
CA PHE A 338 0.59 3.97 -23.10
C PHE A 338 2.05 4.42 -23.02
N MET A 339 2.30 5.51 -23.72
CA MET A 339 3.61 6.13 -23.81
C MET A 339 3.72 7.21 -22.72
N THR A 340 4.41 6.89 -21.64
CA THR A 340 4.54 7.80 -20.52
C THR A 340 5.96 8.21 -20.19
N ALA A 341 6.11 9.44 -19.69
CA ALA A 341 7.43 9.96 -19.33
C ALA A 341 7.81 9.84 -17.87
N ALA A 342 9.02 9.36 -17.67
CA ALA A 342 9.63 9.25 -16.35
C ALA A 342 10.64 10.38 -16.46
N ASN A 343 10.10 11.60 -16.35
CA ASN A 343 10.83 12.86 -16.52
C ASN A 343 12.24 13.07 -15.94
N ASN A 344 12.43 12.82 -14.65
CA ASN A 344 13.75 13.00 -14.05
C ASN A 344 14.71 11.85 -14.34
N SER A 345 14.16 10.76 -14.87
CA SER A 345 14.95 9.58 -15.24
C SER A 345 15.37 9.65 -16.72
N ASN A 346 14.87 10.67 -17.41
CA ASN A 346 15.13 10.94 -18.84
C ASN A 346 14.73 9.78 -19.74
N LYS A 347 13.60 9.15 -19.39
CA LYS A 347 13.09 8.00 -20.13
C LYS A 347 11.60 8.09 -20.41
N VAL A 348 11.17 7.31 -21.39
CA VAL A 348 9.77 7.20 -21.78
C VAL A 348 9.47 5.72 -21.70
N ALA A 349 8.50 5.37 -20.84
CA ALA A 349 8.07 4.00 -20.65
C ALA A 349 6.94 3.64 -21.58
N VAL A 350 6.94 2.40 -22.06
CA VAL A 350 5.89 1.93 -22.95
C VAL A 350 5.13 0.81 -22.25
N ILE A 351 3.85 1.06 -21.96
CA ILE A 351 3.00 0.07 -21.33
C ILE A 351 2.01 -0.52 -22.33
N ASP A 352 2.11 -1.83 -22.54
CA ASP A 352 1.24 -2.58 -23.45
C ASP A 352 -0.06 -2.85 -22.70
N SER A 353 -1.14 -2.18 -23.09
CA SER A 353 -2.42 -2.36 -22.41
C SER A 353 -3.15 -3.65 -22.76
N LYS A 354 -2.74 -4.31 -23.84
CA LYS A 354 -3.35 -5.57 -24.27
C LYS A 354 -2.72 -6.78 -23.57
N ASP A 355 -1.40 -6.90 -23.70
CA ASP A 355 -0.66 -8.00 -23.09
C ASP A 355 -0.31 -7.72 -21.64
N ARG A 356 -0.65 -6.52 -21.18
CA ARG A 356 -0.47 -6.04 -19.80
C ARG A 356 0.95 -6.17 -19.24
N ARG A 357 1.90 -5.53 -19.94
CA ARG A 357 3.32 -5.56 -19.58
C ARG A 357 4.11 -4.31 -20.01
N LEU A 358 5.35 -4.19 -19.52
CA LEU A 358 6.23 -3.09 -19.91
C LEU A 358 6.91 -3.58 -21.19
N SER A 359 6.68 -2.84 -22.28
CA SER A 359 7.26 -3.18 -23.57
C SER A 359 8.69 -2.67 -23.70
N ALA A 360 9.00 -1.52 -23.08
CA ALA A 360 10.34 -0.90 -23.11
C ALA A 360 10.50 0.36 -22.29
N LEU A 361 11.73 0.83 -22.22
CA LEU A 361 12.13 2.07 -21.54
C LEU A 361 13.08 2.71 -22.55
N VAL A 362 12.57 3.72 -23.25
CA VAL A 362 13.31 4.43 -24.29
C VAL A 362 14.05 5.63 -23.71
N ASP A 363 15.36 5.73 -24.00
CA ASP A 363 16.17 6.87 -23.55
C ASP A 363 15.86 8.05 -24.47
N VAL A 364 15.57 9.20 -23.87
CA VAL A 364 15.25 10.41 -24.63
C VAL A 364 16.17 11.55 -24.16
N GLY A 365 15.70 12.79 -24.22
CA GLY A 365 16.51 13.92 -23.79
C GLY A 365 16.29 14.28 -22.33
N LYS A 366 16.76 15.48 -21.94
CA LYS A 366 16.63 15.97 -20.57
C LYS A 366 15.24 16.46 -20.22
N THR A 367 14.67 15.81 -19.19
CA THR A 367 13.34 16.08 -18.63
C THR A 367 12.20 16.08 -19.68
N PRO A 368 11.83 14.88 -20.21
CA PRO A 368 10.75 14.81 -21.20
C PRO A 368 9.40 15.19 -20.64
N HIS A 369 8.69 16.00 -21.40
CA HIS A 369 7.36 16.46 -21.02
C HIS A 369 6.47 16.41 -22.26
N PRO A 370 5.75 15.28 -22.44
CA PRO A 370 4.86 15.11 -23.59
C PRO A 370 3.46 15.62 -23.52
N GLY A 371 2.90 15.66 -22.32
CA GLY A 371 1.50 16.01 -22.17
C GLY A 371 0.90 14.67 -22.54
N ARG A 372 0.13 14.64 -23.63
CA ARG A 372 -0.43 13.39 -24.10
C ARG A 372 0.37 12.90 -25.32
N GLY A 373 1.25 13.77 -25.81
CA GLY A 373 2.11 13.46 -26.95
C GLY A 373 1.55 13.76 -28.34
N ALA A 374 2.36 13.52 -29.36
CA ALA A 374 1.94 13.76 -30.75
C ALA A 374 2.24 12.57 -31.67
N ASN A 375 1.18 12.06 -32.30
CA ASN A 375 1.26 10.91 -33.20
C ASN A 375 1.04 11.25 -34.68
N PHE A 376 1.96 10.76 -35.51
CA PHE A 376 1.93 10.91 -36.98
C PHE A 376 2.76 9.80 -37.63
N VAL A 377 2.52 9.58 -38.94
CA VAL A 377 3.25 8.59 -39.71
C VAL A 377 4.47 9.23 -40.39
N HIS A 378 5.67 8.79 -39.99
CA HIS A 378 6.93 9.29 -40.55
C HIS A 378 7.10 8.62 -41.93
N PRO A 379 7.46 9.41 -42.98
CA PRO A 379 7.65 8.86 -44.34
C PRO A 379 8.65 7.70 -44.47
N LYS A 380 9.62 7.68 -43.56
CA LYS A 380 10.64 6.64 -43.54
C LYS A 380 10.42 5.62 -42.41
N TYR A 381 10.40 6.13 -41.18
CA TYR A 381 10.27 5.30 -39.98
C TYR A 381 8.90 4.72 -39.60
N GLY A 382 7.85 5.04 -40.36
CA GLY A 382 6.51 4.53 -40.08
C GLY A 382 5.82 5.25 -38.93
N PRO A 383 4.80 4.63 -38.28
CA PRO A 383 4.09 5.28 -37.17
C PRO A 383 4.95 5.61 -35.96
N VAL A 384 4.97 6.90 -35.60
CA VAL A 384 5.74 7.37 -34.44
C VAL A 384 4.91 8.13 -33.41
N TRP A 385 5.53 8.35 -32.24
CA TRP A 385 4.96 9.11 -31.13
C TRP A 385 6.07 10.08 -30.75
N SER A 386 5.70 11.35 -30.56
CA SER A 386 6.68 12.38 -30.24
C SER A 386 6.52 13.07 -28.90
N THR A 387 7.63 13.66 -28.45
CA THR A 387 7.68 14.40 -27.19
C THR A 387 8.75 15.48 -27.23
N SER A 388 8.44 16.61 -26.58
CA SER A 388 9.38 17.71 -26.47
C SER A 388 9.95 17.67 -25.03
N HIS A 389 10.88 18.57 -24.71
CA HIS A 389 11.55 18.55 -23.40
C HIS A 389 11.62 19.85 -22.63
N LEU A 390 11.81 19.75 -21.31
CA LEU A 390 11.95 20.93 -20.45
C LEU A 390 13.42 21.27 -20.27
N GLY A 391 14.25 20.22 -20.25
CA GLY A 391 15.68 20.39 -20.06
C GLY A 391 16.50 20.78 -21.29
N ASP A 392 15.96 20.54 -22.48
CA ASP A 392 16.64 20.88 -23.73
C ASP A 392 15.67 21.23 -24.87
N GLY A 393 16.24 21.57 -26.04
CA GLY A 393 15.43 21.92 -27.19
C GLY A 393 15.07 20.80 -28.13
N SER A 394 15.48 19.58 -27.80
CA SER A 394 15.21 18.42 -28.64
C SER A 394 13.78 17.89 -28.57
N ILE A 395 13.39 17.23 -29.66
CA ILE A 395 12.09 16.61 -29.80
C ILE A 395 12.39 15.19 -30.25
N SER A 396 11.98 14.21 -29.43
CA SER A 396 12.21 12.80 -29.73
C SER A 396 11.06 12.15 -30.48
N LEU A 397 11.39 11.40 -31.53
CA LEU A 397 10.41 10.66 -32.34
C LEU A 397 10.65 9.18 -32.02
N ILE A 398 9.63 8.50 -31.49
CA ILE A 398 9.72 7.08 -31.09
C ILE A 398 8.78 6.19 -31.90
N GLY A 399 9.33 5.13 -32.51
CA GLY A 399 8.57 4.18 -33.31
C GLY A 399 7.56 3.38 -32.51
N THR A 400 6.31 3.33 -32.98
CA THR A 400 5.24 2.63 -32.28
C THR A 400 4.52 1.47 -32.99
N ASP A 401 5.18 0.86 -33.98
CA ASP A 401 4.57 -0.23 -34.75
C ASP A 401 5.43 -1.50 -34.73
N PRO A 402 5.15 -2.45 -33.80
CA PRO A 402 5.92 -3.70 -33.73
C PRO A 402 5.62 -4.65 -34.89
N LYS A 403 4.39 -4.58 -35.38
CA LYS A 403 3.94 -5.42 -36.49
C LYS A 403 4.65 -5.16 -37.83
N ASN A 404 4.41 -3.99 -38.43
CA ASN A 404 5.00 -3.65 -39.72
C ASN A 404 6.35 -2.94 -39.71
N HIS A 405 6.78 -2.44 -38.54
CA HIS A 405 8.09 -1.77 -38.40
C HIS A 405 8.85 -2.21 -37.13
N PRO A 406 9.12 -3.54 -36.96
CA PRO A 406 9.83 -4.06 -35.77
C PRO A 406 11.26 -3.58 -35.51
N GLN A 407 11.92 -3.15 -36.58
CA GLN A 407 13.30 -2.66 -36.51
C GLN A 407 13.38 -1.26 -35.88
N TYR A 408 12.22 -0.59 -35.86
CA TYR A 408 12.08 0.77 -35.33
C TYR A 408 11.30 0.87 -34.02
N ALA A 409 10.58 -0.21 -33.69
CA ALA A 409 9.76 -0.27 -32.47
C ALA A 409 10.55 -0.02 -31.18
N TRP A 410 10.04 0.95 -30.42
CA TRP A 410 10.58 1.41 -29.15
C TRP A 410 12.00 1.98 -29.17
N LYS A 411 12.34 2.57 -30.31
CA LYS A 411 13.64 3.19 -30.51
C LYS A 411 13.49 4.69 -30.80
N LYS A 412 14.42 5.50 -30.29
CA LYS A 412 14.42 6.95 -30.54
C LYS A 412 15.03 7.02 -31.94
N VAL A 413 14.09 6.86 -32.86
CA VAL A 413 14.30 6.80 -34.29
C VAL A 413 14.94 8.02 -34.94
N ALA A 414 14.47 9.22 -34.60
CA ALA A 414 14.99 10.48 -35.12
C ALA A 414 14.81 11.58 -34.10
N GLU A 415 15.38 12.74 -34.39
CA GLU A 415 15.33 13.89 -33.50
C GLU A 415 15.09 15.19 -34.28
N LEU A 416 14.27 16.07 -33.70
CA LEU A 416 13.97 17.38 -34.27
C LEU A 416 14.43 18.43 -33.26
N GLN A 417 14.77 19.63 -33.74
CA GLN A 417 15.21 20.69 -32.83
C GLN A 417 14.27 21.87 -32.80
N GLY A 418 13.87 22.24 -31.57
CA GLY A 418 12.97 23.35 -31.37
C GLY A 418 13.70 24.62 -30.95
N GLN A 419 12.94 25.60 -30.47
CA GLN A 419 13.47 26.90 -30.04
C GLN A 419 14.40 26.82 -28.83
N GLY A 420 14.13 25.86 -27.95
CA GLY A 420 14.94 25.69 -26.75
C GLY A 420 14.22 24.94 -25.65
N GLY A 421 14.80 24.97 -24.46
CA GLY A 421 14.22 24.29 -23.31
C GLY A 421 13.00 25.01 -22.76
N GLY A 422 12.34 24.40 -21.78
CA GLY A 422 11.16 24.99 -21.20
C GLY A 422 9.90 24.64 -21.95
N SER A 423 9.97 23.59 -22.78
CA SER A 423 8.81 23.14 -23.54
C SER A 423 7.92 22.26 -22.71
N LEU A 424 6.63 22.35 -22.97
CA LEU A 424 5.64 21.62 -22.22
C LEU A 424 4.73 20.74 -23.08
N PHE A 425 4.28 21.26 -24.23
CA PHE A 425 3.37 20.50 -25.09
C PHE A 425 3.69 20.48 -26.58
N ILE A 426 3.52 19.29 -27.18
CA ILE A 426 3.72 19.06 -28.60
C ILE A 426 2.34 18.62 -29.14
N LYS A 427 1.98 19.05 -30.35
CA LYS A 427 0.67 18.71 -30.91
C LYS A 427 0.56 18.59 -32.43
N THR A 428 -0.33 17.69 -32.86
CA THR A 428 -0.69 17.42 -34.26
C THR A 428 -2.10 16.83 -34.27
N HIS A 429 -2.63 16.56 -35.47
CA HIS A 429 -3.96 16.01 -35.67
C HIS A 429 -3.91 15.17 -36.96
N PRO A 430 -4.78 14.13 -37.09
CA PRO A 430 -4.80 13.29 -38.31
C PRO A 430 -4.90 14.04 -39.64
N LYS A 431 -5.80 15.02 -39.70
CA LYS A 431 -6.06 15.83 -40.90
C LYS A 431 -5.00 16.91 -41.16
N SER A 432 -4.19 17.19 -40.14
CA SER A 432 -3.13 18.21 -40.21
C SER A 432 -1.78 17.68 -40.65
N SER A 433 -1.03 18.54 -41.33
CA SER A 433 0.32 18.22 -41.79
C SER A 433 1.34 19.10 -41.05
N HIS A 434 0.91 19.64 -39.91
CA HIS A 434 1.76 20.49 -39.07
C HIS A 434 1.97 19.92 -37.67
N LEU A 435 3.13 20.25 -37.09
CA LEU A 435 3.52 19.81 -35.75
C LEU A 435 3.92 21.03 -34.93
N TYR A 436 3.10 21.34 -33.91
CA TYR A 436 3.31 22.50 -33.04
C TYR A 436 3.95 22.18 -31.70
N VAL A 437 4.87 23.04 -31.25
CA VAL A 437 5.54 22.89 -29.95
C VAL A 437 5.78 24.23 -29.25
N ASP A 438 5.25 24.35 -28.03
CA ASP A 438 5.39 25.56 -27.21
C ASP A 438 6.71 25.60 -26.44
N THR A 439 6.95 26.68 -25.69
CA THR A 439 8.16 26.86 -24.89
C THR A 439 7.86 27.75 -23.69
N THR A 440 6.71 27.48 -23.08
CA THR A 440 6.14 28.18 -21.93
C THR A 440 7.09 28.67 -20.84
N PHE A 441 7.93 27.77 -20.34
CA PHE A 441 8.86 28.10 -19.27
C PHE A 441 10.29 28.46 -19.69
N ASN A 442 10.48 28.83 -20.96
CA ASN A 442 11.81 29.23 -21.45
C ASN A 442 12.14 30.60 -20.81
N PRO A 443 13.35 30.74 -20.22
CA PRO A 443 13.78 31.99 -19.58
C PRO A 443 13.80 33.25 -20.46
N ASP A 444 13.81 33.06 -21.79
CA ASP A 444 13.77 34.19 -22.71
C ASP A 444 12.30 34.51 -22.93
N ALA A 445 12.00 35.80 -22.95
CA ALA A 445 10.64 36.29 -23.14
C ALA A 445 10.06 36.02 -24.53
N ARG A 446 10.83 36.34 -25.57
CA ARG A 446 10.39 36.16 -26.96
C ARG A 446 10.09 34.70 -27.34
N ILE A 447 10.90 33.77 -26.82
CA ILE A 447 10.72 32.35 -27.10
C ILE A 447 9.45 31.79 -26.39
N SER A 448 9.24 32.18 -25.14
CA SER A 448 8.08 31.75 -24.34
C SER A 448 6.75 32.36 -24.78
N GLN A 449 6.85 33.42 -25.56
CA GLN A 449 5.69 34.14 -26.08
C GLN A 449 5.35 33.68 -27.50
N SER A 450 6.10 32.69 -27.98
CA SER A 450 5.92 32.13 -29.32
C SER A 450 5.94 30.61 -29.33
N VAL A 451 5.53 30.02 -30.47
CA VAL A 451 5.55 28.56 -30.64
C VAL A 451 6.29 28.19 -31.94
N ALA A 452 6.74 26.94 -32.04
CA ALA A 452 7.45 26.45 -33.23
C ALA A 452 6.50 25.56 -34.04
N VAL A 453 6.61 25.61 -35.37
CA VAL A 453 5.77 24.77 -36.25
C VAL A 453 6.65 24.06 -37.26
N PHE A 454 6.49 22.74 -37.36
CA PHE A 454 7.25 21.90 -38.30
C PHE A 454 6.34 21.43 -39.41
N ASP A 455 6.91 21.17 -40.58
CA ASP A 455 6.18 20.67 -41.75
C ASP A 455 6.37 19.16 -41.73
N LEU A 456 5.28 18.42 -41.53
CA LEU A 456 5.33 16.95 -41.49
C LEU A 456 5.61 16.31 -42.86
N LYS A 457 5.38 17.09 -43.92
CA LYS A 457 5.60 16.65 -45.29
C LYS A 457 7.06 16.81 -45.69
N ASN A 458 7.78 17.70 -44.98
CA ASN A 458 9.22 17.97 -45.21
C ASN A 458 9.93 18.24 -43.88
N LEU A 459 10.18 17.17 -43.10
CA LEU A 459 10.83 17.28 -41.78
C LEU A 459 12.29 17.73 -41.68
N ASP A 460 12.97 17.83 -42.83
CA ASP A 460 14.38 18.25 -42.91
C ASP A 460 14.51 19.75 -42.71
N ALA A 461 13.49 20.48 -43.17
CA ALA A 461 13.44 21.94 -43.08
C ALA A 461 13.21 22.38 -41.63
N LYS A 462 13.74 23.55 -41.31
CA LYS A 462 13.63 24.14 -39.97
C LYS A 462 12.22 24.67 -39.73
N TYR A 463 11.84 24.76 -38.45
CA TYR A 463 10.53 25.26 -38.01
C TYR A 463 10.26 26.74 -38.34
N GLN A 464 8.99 27.11 -38.28
CA GLN A 464 8.58 28.50 -38.50
C GLN A 464 8.14 28.99 -37.13
N VAL A 465 8.41 30.26 -36.83
CA VAL A 465 8.02 30.84 -35.54
C VAL A 465 6.74 31.65 -35.69
N LEU A 466 5.76 31.30 -34.86
CA LEU A 466 4.48 31.98 -34.84
C LEU A 466 4.44 32.86 -33.57
N PRO A 467 4.39 34.21 -33.73
CA PRO A 467 4.36 35.14 -32.59
C PRO A 467 2.96 35.26 -31.97
N ILE A 468 2.58 34.19 -31.27
CA ILE A 468 1.29 34.03 -30.61
C ILE A 468 0.89 35.16 -29.64
N ALA A 469 1.77 35.52 -28.71
CA ALA A 469 1.48 36.58 -27.75
C ALA A 469 1.43 37.97 -28.36
N GLU A 470 2.25 38.18 -29.40
CA GLU A 470 2.34 39.45 -30.13
C GLU A 470 1.05 39.65 -30.94
N TRP A 471 0.53 38.56 -31.49
CA TRP A 471 -0.71 38.55 -32.28
C TRP A 471 -1.92 38.85 -31.41
N ALA A 472 -1.81 38.54 -30.12
CA ALA A 472 -2.86 38.75 -29.15
C ALA A 472 -3.09 40.21 -28.82
N ASP A 473 -2.03 41.03 -28.95
CA ASP A 473 -2.06 42.50 -28.68
C ASP A 473 -2.61 42.77 -27.26
N LEU A 474 -1.80 42.43 -26.25
CA LEU A 474 -2.20 42.57 -24.84
C LEU A 474 -1.45 43.58 -23.99
N GLY A 475 -0.31 44.07 -24.47
CA GLY A 475 0.47 45.03 -23.71
C GLY A 475 1.48 44.43 -22.75
N GLU A 476 1.41 44.82 -21.48
CA GLU A 476 2.33 44.35 -20.44
C GLU A 476 2.02 42.98 -19.81
N GLY A 477 3.07 42.36 -19.27
CA GLY A 477 2.98 41.06 -18.63
C GLY A 477 3.90 40.03 -19.24
N ALA A 478 4.11 38.92 -18.53
CA ALA A 478 4.98 37.81 -18.99
C ALA A 478 4.49 37.18 -20.29
N LYS A 479 3.17 37.12 -20.44
CA LYS A 479 2.48 36.59 -21.62
C LYS A 479 2.97 35.23 -22.15
N ARG A 480 3.22 34.29 -21.24
CA ARG A 480 3.70 32.94 -21.59
C ARG A 480 2.62 32.19 -22.36
N VAL A 481 3.02 31.59 -23.48
CA VAL A 481 2.10 30.83 -24.31
C VAL A 481 2.16 29.34 -23.93
N VAL A 482 0.99 28.72 -23.84
CA VAL A 482 0.90 27.31 -23.44
C VAL A 482 -0.20 26.49 -24.12
N GLN A 483 0.14 25.21 -24.33
CA GLN A 483 -0.72 24.16 -24.90
C GLN A 483 -1.45 24.32 -26.23
N PRO A 484 -0.94 23.71 -27.31
CA PRO A 484 -1.65 23.83 -28.60
C PRO A 484 -2.78 22.77 -28.56
N GLU A 485 -3.98 23.16 -29.01
CA GLU A 485 -5.11 22.25 -29.03
C GLU A 485 -5.93 22.52 -30.28
N TYR A 486 -6.30 21.44 -30.97
CA TYR A 486 -7.10 21.52 -32.19
C TYR A 486 -8.60 21.47 -31.93
N ASN A 487 -9.36 21.77 -32.98
CA ASN A 487 -10.82 21.71 -32.96
C ASN A 487 -11.21 20.34 -33.54
N LYS A 488 -12.51 20.04 -33.61
CA LYS A 488 -12.97 18.74 -34.14
C LYS A 488 -12.58 18.48 -35.60
N ARG A 489 -12.62 19.52 -36.43
CA ARG A 489 -12.28 19.43 -37.85
C ARG A 489 -10.78 19.28 -38.11
N GLY A 490 -9.98 19.85 -37.22
CA GLY A 490 -8.53 19.79 -37.34
C GLY A 490 -7.92 20.89 -38.19
N ASP A 491 -8.70 21.95 -38.44
CA ASP A 491 -8.25 23.09 -39.23
C ASP A 491 -7.87 24.33 -38.39
N GLU A 492 -8.23 24.30 -37.10
CA GLU A 492 -7.91 25.38 -36.17
C GLU A 492 -7.06 24.85 -35.04
N VAL A 493 -6.09 25.65 -34.61
CA VAL A 493 -5.19 25.31 -33.51
C VAL A 493 -5.27 26.46 -32.53
N TRP A 494 -5.69 26.14 -31.31
CA TRP A 494 -5.85 27.10 -30.23
C TRP A 494 -4.65 27.11 -29.29
N PHE A 495 -4.34 28.30 -28.76
CA PHE A 495 -3.23 28.51 -27.82
C PHE A 495 -3.73 29.41 -26.70
N SER A 496 -3.09 29.33 -25.54
CA SER A 496 -3.47 30.15 -24.39
C SER A 496 -2.33 31.11 -24.09
N VAL A 497 -2.66 32.40 -23.96
CA VAL A 497 -1.67 33.42 -23.61
C VAL A 497 -1.94 33.64 -22.13
N TRP A 498 -1.25 32.84 -21.32
CA TRP A 498 -1.34 32.83 -19.86
C TRP A 498 -0.60 34.00 -19.20
N ASN A 499 -1.34 35.09 -19.02
CA ASN A 499 -0.80 36.29 -18.37
C ASN A 499 -1.24 36.27 -16.90
N GLY A 500 -0.75 37.23 -16.12
CA GLY A 500 -1.09 37.34 -14.70
C GLY A 500 -2.54 37.73 -14.47
N LYS A 501 -3.08 37.37 -13.31
CA LYS A 501 -4.49 37.66 -12.95
C LYS A 501 -4.94 39.12 -12.98
N ASN A 502 -3.99 40.02 -12.75
CA ASN A 502 -4.25 41.45 -12.75
C ASN A 502 -3.93 42.09 -14.10
N ASP A 503 -3.43 41.26 -15.02
CA ASP A 503 -3.10 41.69 -16.39
C ASP A 503 -4.15 41.11 -17.35
N SER A 504 -3.99 41.35 -18.65
CA SER A 504 -4.93 40.85 -19.66
C SER A 504 -4.41 39.63 -20.42
N SER A 505 -5.29 38.64 -20.55
CA SER A 505 -4.99 37.37 -21.22
C SER A 505 -5.85 37.13 -22.46
N ALA A 506 -5.49 36.14 -23.27
CA ALA A 506 -6.22 35.81 -24.50
C ALA A 506 -6.00 34.38 -25.00
N LEU A 507 -6.92 33.92 -25.86
CA LEU A 507 -6.81 32.62 -26.51
C LEU A 507 -6.61 32.98 -27.99
N VAL A 508 -5.51 32.53 -28.57
CA VAL A 508 -5.19 32.81 -29.97
C VAL A 508 -5.50 31.58 -30.83
N VAL A 509 -6.27 31.79 -31.89
CA VAL A 509 -6.65 30.75 -32.83
C VAL A 509 -5.88 30.95 -34.13
N VAL A 510 -5.30 29.87 -34.64
CA VAL A 510 -4.52 29.87 -35.88
C VAL A 510 -5.16 28.91 -36.90
N ASP A 511 -5.17 29.35 -38.16
CA ASP A 511 -5.70 28.60 -39.30
C ASP A 511 -4.55 27.65 -39.65
N ASP A 512 -4.71 26.37 -39.34
CA ASP A 512 -3.71 25.33 -39.58
C ASP A 512 -3.30 25.19 -41.05
N LYS A 513 -4.28 25.39 -41.94
CA LYS A 513 -4.05 25.28 -43.38
C LYS A 513 -3.12 26.35 -43.96
N THR A 514 -3.15 27.55 -43.39
CA THR A 514 -2.33 28.69 -43.87
C THR A 514 -1.30 29.26 -42.88
N LEU A 515 -1.38 28.85 -41.62
CA LEU A 515 -0.50 29.31 -40.51
C LEU A 515 -0.68 30.80 -40.15
N LYS A 516 -1.79 31.37 -40.63
CA LYS A 516 -2.16 32.77 -40.39
C LYS A 516 -3.11 32.87 -39.19
N LEU A 517 -3.14 34.04 -38.56
CA LEU A 517 -4.01 34.33 -37.43
C LEU A 517 -5.48 34.29 -37.87
N LYS A 518 -6.27 33.47 -37.17
CA LYS A 518 -7.68 33.33 -37.49
C LYS A 518 -8.57 34.22 -36.61
N ALA A 519 -8.36 34.17 -35.29
CA ALA A 519 -9.15 34.96 -34.32
C ALA A 519 -8.46 35.07 -32.96
N VAL A 520 -8.91 36.03 -32.15
CA VAL A 520 -8.39 36.26 -30.79
C VAL A 520 -9.58 36.38 -29.83
N VAL A 521 -9.55 35.58 -28.76
CA VAL A 521 -10.61 35.57 -27.76
C VAL A 521 -10.19 36.35 -26.52
N LYS A 522 -10.85 37.49 -26.30
CA LYS A 522 -10.61 38.36 -25.14
C LYS A 522 -11.94 38.51 -24.39
N ASP A 523 -11.87 38.53 -23.06
CA ASP A 523 -13.05 38.65 -22.18
C ASP A 523 -12.50 39.00 -20.79
N PRO A 524 -13.19 39.89 -20.01
CA PRO A 524 -12.71 40.25 -18.67
C PRO A 524 -12.71 39.09 -17.68
N ARG A 525 -13.54 38.08 -17.97
CA ARG A 525 -13.68 36.87 -17.15
C ARG A 525 -12.57 35.86 -17.47
N LEU A 526 -11.89 36.05 -18.60
CA LEU A 526 -10.80 35.15 -19.01
C LEU A 526 -9.52 35.48 -18.24
N ILE A 527 -9.53 35.07 -16.98
CA ILE A 527 -8.46 35.27 -16.03
C ILE A 527 -7.57 34.02 -15.99
N THR A 528 -6.27 34.23 -16.20
CA THR A 528 -5.22 33.18 -16.23
C THR A 528 -5.57 31.86 -16.96
N PRO A 529 -5.88 31.94 -18.28
CA PRO A 529 -6.22 30.72 -19.01
C PRO A 529 -5.04 29.79 -19.21
N THR A 530 -5.25 28.51 -18.92
CA THR A 530 -4.20 27.51 -19.05
C THR A 530 -4.63 26.40 -20.01
N GLY A 531 -5.14 25.30 -19.48
CA GLY A 531 -5.56 24.19 -20.32
C GLY A 531 -6.86 24.36 -21.06
N LYS A 532 -6.85 23.97 -22.34
CA LYS A 532 -8.02 24.02 -23.21
C LYS A 532 -8.19 22.59 -23.72
N PHE A 533 -9.39 22.05 -23.55
CA PHE A 533 -9.69 20.68 -23.99
C PHE A 533 -10.92 20.64 -24.91
N ASN A 534 -10.68 20.34 -26.19
CA ASN A 534 -11.76 20.21 -27.19
C ASN A 534 -12.50 18.91 -26.84
N VAL A 535 -13.83 19.00 -26.70
CA VAL A 535 -14.66 17.84 -26.33
C VAL A 535 -14.43 16.56 -27.14
N TYR A 536 -14.63 16.63 -28.46
CA TYR A 536 -14.46 15.45 -29.33
C TYR A 536 -13.05 14.87 -29.23
N ASN A 537 -12.05 15.74 -29.32
CA ASN A 537 -10.63 15.36 -29.26
C ASN A 537 -10.15 14.75 -27.94
N THR A 538 -10.79 15.15 -26.83
CA THR A 538 -10.47 14.65 -25.49
C THR A 538 -11.14 13.30 -25.25
N GLN A 539 -12.42 13.23 -25.64
CA GLN A 539 -13.26 12.03 -25.50
C GLN A 539 -12.73 10.83 -26.30
N HIS A 540 -12.29 11.09 -27.53
CA HIS A 540 -11.80 10.07 -28.43
C HIS A 540 -10.28 9.97 -28.56
N ASP A 541 -9.55 10.63 -27.66
CA ASP A 541 -8.08 10.63 -27.63
C ASP A 541 -7.41 10.89 -29.00
N VAL A 542 -7.82 11.97 -29.64
CA VAL A 542 -7.29 12.38 -30.94
C VAL A 542 -6.05 13.28 -30.77
N TYR A 543 -4.88 12.67 -30.90
CA TYR A 543 -3.56 13.34 -30.79
C TYR A 543 -2.45 12.44 -31.37
N LYS B 5 16.62 26.26 -15.18
CA LYS B 5 15.77 27.34 -14.62
C LYS B 5 14.35 27.24 -15.10
N ALA B 6 14.17 26.47 -16.18
CA ALA B 6 12.88 26.21 -16.80
C ALA B 6 12.09 25.29 -15.88
N ALA B 7 12.79 24.27 -15.38
CA ALA B 7 12.25 23.26 -14.46
C ALA B 7 12.06 23.81 -13.04
N GLU B 8 12.64 24.98 -12.78
CA GLU B 8 12.53 25.63 -11.48
C GLU B 8 11.27 26.50 -11.38
N GLN B 9 10.88 27.07 -12.52
CA GLN B 9 9.70 27.92 -12.64
C GLN B 9 8.48 27.02 -12.84
N TYR B 10 8.73 25.82 -13.36
CA TYR B 10 7.73 24.78 -13.63
C TYR B 10 7.14 24.19 -12.34
N GLN B 11 7.98 24.03 -11.33
CA GLN B 11 7.56 23.50 -10.03
C GLN B 11 7.59 24.66 -9.01
N GLY B 12 7.40 25.87 -9.53
CA GLY B 12 7.42 27.09 -8.74
C GLY B 12 6.18 27.47 -7.96
N ALA B 13 5.01 26.98 -8.38
CA ALA B 13 3.73 27.29 -7.72
C ALA B 13 3.60 26.70 -6.33
N ALA B 14 2.71 27.30 -5.54
CA ALA B 14 2.43 26.90 -4.17
C ALA B 14 1.67 25.58 -4.08
N SER B 15 1.98 24.82 -3.02
CA SER B 15 1.31 23.54 -2.74
C SER B 15 -0.15 23.85 -2.37
N ALA B 16 -1.05 22.93 -2.70
CA ALA B 16 -2.47 23.12 -2.38
C ALA B 16 -2.77 22.86 -0.90
N VAL B 17 -1.77 22.34 -0.20
CA VAL B 17 -1.88 22.04 1.22
C VAL B 17 -1.83 23.32 2.06
N ASP B 18 -2.84 23.51 2.91
CA ASP B 18 -2.95 24.67 3.80
C ASP B 18 -1.95 24.43 4.94
N PRO B 19 -0.91 25.29 5.08
CA PRO B 19 0.12 25.19 6.12
C PRO B 19 -0.44 25.23 7.54
N ALA B 20 -1.60 25.86 7.66
CA ALA B 20 -2.32 26.01 8.92
C ALA B 20 -2.84 24.67 9.45
N HIS B 21 -3.13 23.75 8.53
CA HIS B 21 -3.63 22.42 8.88
C HIS B 21 -2.53 21.39 9.09
N VAL B 22 -1.29 21.79 8.83
CA VAL B 22 -0.12 20.93 9.01
C VAL B 22 0.36 21.31 10.42
N VAL B 23 0.17 20.40 11.38
CA VAL B 23 0.48 20.66 12.80
C VAL B 23 1.78 20.21 13.46
N ARG B 24 2.32 21.13 14.29
CA ARG B 24 3.54 20.90 15.07
C ARG B 24 3.16 20.06 16.28
N THR B 25 3.86 18.94 16.45
CA THR B 25 3.57 18.05 17.55
C THR B 25 4.47 18.39 18.74
N ASN B 26 3.83 18.91 19.80
CA ASN B 26 4.48 19.27 21.09
C ASN B 26 3.55 19.81 22.17
N GLY B 27 4.14 20.10 23.33
CA GLY B 27 3.40 20.58 24.49
C GLY B 27 3.45 19.45 25.53
N ALA B 28 4.48 18.61 25.39
CA ALA B 28 4.73 17.45 26.22
C ALA B 28 5.62 17.74 27.43
N PRO B 29 5.43 17.01 28.56
CA PRO B 29 6.25 17.21 29.76
C PRO B 29 7.71 16.86 29.57
N ASP B 30 8.57 17.84 29.89
CA ASP B 30 10.03 17.71 29.77
C ASP B 30 10.60 16.48 30.45
N MET B 31 11.42 15.74 29.71
CA MET B 31 12.10 14.57 30.23
C MET B 31 13.45 14.41 29.53
N SER B 32 14.48 14.18 30.34
CA SER B 32 15.86 14.02 29.87
C SER B 32 16.05 12.74 29.06
N GLU B 33 17.25 12.58 28.49
CA GLU B 33 17.60 11.42 27.67
C GLU B 33 17.52 10.11 28.48
N SER B 34 17.95 10.17 29.74
CA SER B 34 17.95 9.04 30.65
C SER B 34 16.52 8.60 31.00
N GLU B 35 15.66 9.58 31.22
CA GLU B 35 14.25 9.37 31.55
C GLU B 35 13.43 8.83 30.37
N PHE B 36 13.70 9.37 29.18
CA PHE B 36 13.02 8.97 27.96
C PHE B 36 13.39 7.54 27.53
N ASN B 37 14.67 7.20 27.64
CA ASN B 37 15.14 5.86 27.25
C ASN B 37 14.65 4.74 28.17
N GLU B 38 14.51 5.06 29.46
CA GLU B 38 14.02 4.09 30.46
C GLU B 38 12.56 3.79 30.15
N ALA B 39 11.81 4.86 29.82
CA ALA B 39 10.39 4.77 29.49
C ALA B 39 10.15 4.02 28.17
N LYS B 40 10.97 4.32 27.17
CA LYS B 40 10.92 3.71 25.83
C LYS B 40 11.21 2.21 25.91
N GLN B 41 12.06 1.84 26.87
CA GLN B 41 12.42 0.44 27.09
C GLN B 41 11.24 -0.33 27.65
N ILE B 42 10.54 0.26 28.63
CA ILE B 42 9.35 -0.35 29.26
C ILE B 42 8.23 -0.50 28.20
N TYR B 43 8.11 0.50 27.31
CA TYR B 43 7.10 0.51 26.26
C TYR B 43 7.16 -0.72 25.33
N PHE B 44 8.33 -1.00 24.79
CA PHE B 44 8.47 -2.14 23.90
C PHE B 44 8.51 -3.49 24.59
N GLN B 45 8.81 -3.47 25.88
CA GLN B 45 8.85 -4.67 26.70
C GLN B 45 7.47 -5.06 27.21
N ARG B 46 6.65 -4.05 27.55
CA ARG B 46 5.32 -4.29 28.12
C ARG B 46 4.07 -3.79 27.39
N CYS B 47 4.22 -2.79 26.52
CA CYS B 47 3.05 -2.18 25.87
C CYS B 47 2.84 -2.26 24.35
N ALA B 48 3.92 -2.39 23.59
CA ALA B 48 3.85 -2.42 22.12
C ALA B 48 3.03 -3.53 21.49
N GLY B 49 2.91 -4.65 22.20
CA GLY B 49 2.15 -5.79 21.72
C GLY B 49 0.70 -5.46 21.42
N CYS B 50 0.05 -4.76 22.35
CA CYS B 50 -1.34 -4.39 22.20
C CYS B 50 -1.58 -3.00 21.61
N HIS B 51 -0.66 -2.08 21.87
CA HIS B 51 -0.81 -0.71 21.40
C HIS B 51 -0.12 -0.37 20.09
N GLY B 52 0.77 -1.25 19.62
CA GLY B 52 1.48 -1.03 18.38
C GLY B 52 2.74 -0.22 18.52
N VAL B 53 3.67 -0.41 17.58
CA VAL B 53 4.95 0.27 17.55
C VAL B 53 4.81 1.80 17.39
N LEU B 54 3.83 2.22 16.60
CA LEU B 54 3.57 3.63 16.33
C LEU B 54 2.50 4.23 17.22
N ARG B 55 1.99 3.43 18.17
CA ARG B 55 0.94 3.83 19.13
C ARG B 55 -0.43 4.23 18.57
N LYS B 56 -0.67 3.90 17.30
CA LYS B 56 -1.95 4.22 16.65
C LYS B 56 -3.08 3.31 17.09
N GLY B 57 -2.70 2.29 17.85
CA GLY B 57 -3.65 1.35 18.39
C GLY B 57 -3.96 0.10 17.60
N ALA B 58 -3.95 -1.03 18.31
CA ALA B 58 -4.27 -2.34 17.77
C ALA B 58 -5.37 -2.83 18.72
N THR B 59 -5.06 -3.78 19.61
CA THR B 59 -6.04 -4.30 20.59
C THR B 59 -6.38 -3.16 21.56
N GLY B 60 -5.39 -2.30 21.80
CA GLY B 60 -5.54 -1.16 22.67
C GLY B 60 -5.91 0.11 21.95
N LYS B 61 -6.47 1.07 22.71
CA LYS B 61 -6.90 2.39 22.23
C LYS B 61 -5.68 3.20 21.71
N PRO B 62 -5.88 4.19 20.80
CA PRO B 62 -4.71 4.96 20.33
C PRO B 62 -4.01 5.77 21.43
N LEU B 63 -2.69 5.64 21.52
CA LEU B 63 -1.89 6.36 22.52
C LEU B 63 -1.03 7.49 21.96
N THR B 64 -1.52 8.11 20.88
CA THR B 64 -0.81 9.21 20.23
C THR B 64 -1.01 10.52 21.04
N PRO B 65 -0.05 11.48 20.98
CA PRO B 65 -0.13 12.76 21.70
C PRO B 65 -1.42 13.56 21.65
N ASP B 66 -2.15 13.49 20.53
CA ASP B 66 -3.42 14.21 20.38
C ASP B 66 -4.46 13.75 21.41
N ILE B 67 -4.44 12.45 21.71
CA ILE B 67 -5.34 11.80 22.67
C ILE B 67 -4.81 11.85 24.12
N THR B 68 -3.52 11.55 24.31
CA THR B 68 -2.91 11.52 25.64
C THR B 68 -2.75 12.86 26.36
N GLN B 69 -2.45 13.92 25.60
CA GLN B 69 -2.30 15.26 26.17
C GLN B 69 -3.68 15.81 26.59
N GLN B 70 -4.72 15.32 25.90
CA GLN B 70 -6.12 15.69 26.16
C GLN B 70 -6.53 15.10 27.51
N ARG B 71 -6.09 13.87 27.78
CA ARG B 71 -6.39 13.17 29.02
C ARG B 71 -5.68 13.83 30.21
N GLY B 72 -4.40 14.16 30.01
CA GLY B 72 -3.59 14.80 31.06
C GLY B 72 -2.85 13.82 31.95
N GLN B 73 -1.78 14.31 32.58
CA GLN B 73 -0.90 13.52 33.47
C GLN B 73 -1.55 12.62 34.53
N GLN B 74 -2.49 13.20 35.29
CA GLN B 74 -3.20 12.50 36.36
C GLN B 74 -4.04 11.30 35.88
N TYR B 75 -4.82 11.52 34.80
CA TYR B 75 -5.68 10.49 34.19
C TYR B 75 -4.82 9.30 33.78
N LEU B 76 -3.79 9.61 32.98
CA LEU B 76 -2.86 8.61 32.46
C LEU B 76 -2.19 7.78 33.54
N GLU B 77 -1.73 8.44 34.61
CA GLU B 77 -1.09 7.77 35.75
C GLU B 77 -2.07 6.82 36.42
N ALA B 78 -3.30 7.28 36.57
CA ALA B 78 -4.38 6.51 37.17
C ALA B 78 -4.81 5.30 36.32
N LEU B 79 -4.86 5.47 34.99
CA LEU B 79 -5.25 4.37 34.13
C LEU B 79 -4.19 3.28 34.05
N ILE B 80 -2.92 3.68 33.95
CA ILE B 80 -1.82 2.71 33.89
C ILE B 80 -1.73 1.97 35.24
N THR B 81 -2.08 2.66 36.33
CA THR B 81 -2.04 2.06 37.67
C THR B 81 -3.14 1.00 37.92
N TYR B 82 -4.40 1.38 37.69
CA TYR B 82 -5.53 0.48 37.92
C TYR B 82 -6.02 -0.34 36.73
N GLY B 83 -5.66 0.08 35.51
CA GLY B 83 -6.10 -0.62 34.31
C GLY B 83 -7.59 -0.45 34.07
N THR B 84 -8.16 -1.30 33.21
CA THR B 84 -9.60 -1.25 32.91
C THR B 84 -10.07 -2.72 32.80
N PRO B 85 -11.42 -2.97 32.86
CA PRO B 85 -11.88 -4.37 32.74
C PRO B 85 -11.93 -4.91 31.29
N LEU B 86 -11.72 -4.03 30.31
CA LEU B 86 -11.79 -4.42 28.90
C LEU B 86 -10.46 -4.86 28.28
N GLY B 87 -9.59 -5.43 29.12
CA GLY B 87 -8.31 -5.92 28.64
C GLY B 87 -7.07 -5.09 28.91
N MET B 88 -7.17 -4.04 29.73
CA MET B 88 -6.02 -3.22 30.05
C MET B 88 -5.49 -3.61 31.44
N PRO B 89 -4.29 -4.24 31.50
CA PRO B 89 -3.68 -4.66 32.77
C PRO B 89 -3.33 -3.56 33.75
N ASN B 90 -3.48 -3.89 35.03
CA ASN B 90 -3.18 -2.97 36.12
C ASN B 90 -1.69 -3.05 36.42
N TRP B 91 -0.95 -2.02 36.04
CA TRP B 91 0.50 -2.03 36.26
C TRP B 91 0.94 -1.58 37.64
N GLY B 92 0.07 -0.83 38.34
CA GLY B 92 0.40 -0.35 39.66
C GLY B 92 -0.16 -1.21 40.79
N SER B 93 -1.43 -1.59 40.67
CA SER B 93 -2.10 -2.42 41.68
C SER B 93 -1.47 -3.81 41.80
N SER B 94 -0.91 -4.31 40.70
CA SER B 94 -0.25 -5.62 40.65
C SER B 94 1.22 -5.52 41.08
N GLY B 95 1.68 -4.28 41.27
CA GLY B 95 3.06 -4.05 41.67
C GLY B 95 4.11 -4.36 40.62
N GLU B 96 3.69 -4.41 39.35
CA GLU B 96 4.60 -4.66 38.23
C GLU B 96 5.50 -3.47 37.99
N LEU B 97 4.93 -2.28 38.05
CA LEU B 97 5.66 -1.04 37.85
C LEU B 97 5.51 -0.15 39.07
N SER B 98 6.53 0.66 39.33
CA SER B 98 6.57 1.59 40.46
C SER B 98 5.86 2.89 40.09
N LYS B 99 5.58 3.72 41.11
CA LYS B 99 4.91 5.02 40.94
C LYS B 99 5.73 5.92 40.00
N GLU B 100 7.05 5.78 40.13
CA GLU B 100 8.06 6.51 39.38
C GLU B 100 8.09 6.12 37.90
N GLN B 101 7.94 4.82 37.65
CA GLN B 101 7.92 4.26 36.30
C GLN B 101 6.62 4.63 35.56
N ILE B 102 5.51 4.59 36.29
CA ILE B 102 4.18 4.94 35.76
C ILE B 102 4.13 6.44 35.40
N THR B 103 4.83 7.26 36.20
CA THR B 103 4.91 8.70 35.98
C THR B 103 5.72 8.95 34.70
N LEU B 104 6.76 8.14 34.51
CA LEU B 104 7.62 8.21 33.33
C LEU B 104 6.88 7.73 32.08
N MET B 105 6.00 6.75 32.25
CA MET B 105 5.20 6.21 31.15
C MET B 105 4.13 7.20 30.71
N ALA B 106 3.52 7.89 31.68
CA ALA B 106 2.48 8.89 31.44
C ALA B 106 3.09 10.09 30.70
N LYS B 107 4.34 10.38 31.03
CA LYS B 107 5.09 11.46 30.42
C LYS B 107 5.51 11.12 28.99
N TYR B 108 5.93 9.87 28.80
CA TYR B 108 6.38 9.33 27.51
C TYR B 108 5.33 9.32 26.42
N ILE B 109 4.17 8.74 26.72
CA ILE B 109 3.07 8.63 25.76
C ILE B 109 2.47 9.97 25.31
N GLN B 110 2.96 11.07 25.90
CA GLN B 110 2.54 12.43 25.57
C GLN B 110 3.48 13.04 24.52
N HIS B 111 4.60 12.37 24.27
CA HIS B 111 5.58 12.79 23.27
C HIS B 111 5.27 12.05 21.97
N THR B 112 5.85 12.55 20.87
CA THR B 112 5.72 11.97 19.54
C THR B 112 6.33 10.55 19.59
N PRO B 113 5.61 9.54 19.05
CA PRO B 113 6.16 8.16 19.07
C PRO B 113 7.51 8.14 18.36
N PRO B 114 8.56 7.59 19.01
CA PRO B 114 9.90 7.53 18.40
C PRO B 114 9.81 6.68 17.14
N GLN B 115 10.54 7.08 16.09
CA GLN B 115 10.50 6.37 14.82
C GLN B 115 11.38 5.11 14.70
N PRO B 116 10.76 3.97 14.34
CA PRO B 116 11.44 2.67 14.19
C PRO B 116 12.11 2.55 12.80
N PRO B 117 13.11 1.64 12.65
CA PRO B 117 13.73 1.55 11.33
C PRO B 117 12.87 0.85 10.28
N GLU B 118 13.19 1.12 9.02
CA GLU B 118 12.52 0.46 7.89
C GLU B 118 13.40 -0.74 7.54
N TRP B 119 12.96 -1.58 6.61
CA TRP B 119 13.73 -2.77 6.22
C TRP B 119 13.40 -3.16 4.79
N GLY B 120 14.19 -2.64 3.85
CA GLY B 120 13.97 -2.93 2.44
C GLY B 120 14.96 -3.94 1.88
N MET B 121 15.09 -3.91 0.56
CA MET B 121 15.98 -4.82 -0.18
C MET B 121 17.46 -4.75 0.20
N PRO B 122 18.04 -3.53 0.42
CA PRO B 122 19.47 -3.51 0.81
C PRO B 122 19.73 -4.29 2.11
N GLU B 123 18.88 -4.07 3.11
CA GLU B 123 18.99 -4.72 4.41
C GLU B 123 18.69 -6.23 4.33
N MET B 124 17.72 -6.59 3.49
CA MET B 124 17.32 -7.98 3.29
C MET B 124 18.42 -8.78 2.59
N ARG B 125 19.06 -8.18 1.58
CA ARG B 125 20.15 -8.83 0.83
C ARG B 125 21.40 -8.97 1.69
N GLU B 126 21.61 -7.97 2.55
CA GLU B 126 22.75 -7.95 3.46
C GLU B 126 22.64 -9.11 4.46
N SER B 127 21.41 -9.39 4.90
CA SER B 127 21.16 -10.47 5.85
C SER B 127 21.08 -11.86 5.19
N TRP B 128 20.86 -11.88 3.88
CA TRP B 128 20.76 -13.12 3.09
C TRP B 128 22.07 -13.87 2.96
N LYS B 129 22.02 -15.17 3.27
CA LYS B 129 23.14 -16.10 3.23
C LYS B 129 22.69 -17.44 2.66
N VAL B 130 23.49 -18.00 1.75
CA VAL B 130 23.23 -19.33 1.17
C VAL B 130 24.38 -20.13 1.79
N LEU B 131 24.05 -20.99 2.76
CA LEU B 131 25.05 -21.79 3.45
C LEU B 131 25.54 -22.98 2.60
N VAL B 132 24.59 -23.69 1.99
CA VAL B 132 24.91 -24.82 1.10
C VAL B 132 24.19 -24.55 -0.23
N LYS B 133 24.98 -24.36 -1.29
CA LYS B 133 24.47 -24.09 -2.66
C LYS B 133 23.59 -25.24 -3.18
N PRO B 134 22.52 -24.94 -3.97
CA PRO B 134 21.63 -25.99 -4.51
C PRO B 134 22.32 -27.12 -5.28
N GLU B 135 23.39 -26.73 -5.95
CA GLU B 135 24.24 -27.59 -6.76
C GLU B 135 25.00 -28.60 -5.90
N ASP B 136 25.38 -28.16 -4.69
CA ASP B 136 26.15 -28.97 -3.73
C ASP B 136 25.33 -29.70 -2.65
N ARG B 137 24.00 -29.64 -2.77
CA ARG B 137 23.07 -30.30 -1.85
C ARG B 137 22.85 -31.76 -2.30
N PRO B 138 22.37 -32.65 -1.39
CA PRO B 138 22.14 -34.05 -1.78
C PRO B 138 21.14 -34.24 -2.93
N LYS B 139 21.19 -35.42 -3.57
CA LYS B 139 20.30 -35.75 -4.68
C LYS B 139 19.19 -36.70 -4.21
N LYS B 140 19.40 -37.29 -3.02
CA LYS B 140 18.47 -38.21 -2.38
C LYS B 140 18.65 -38.11 -0.85
N GLN B 141 17.80 -38.80 -0.10
CA GLN B 141 17.89 -38.81 1.36
C GLN B 141 19.10 -39.62 1.82
N LEU B 142 20.10 -38.93 2.35
CA LEU B 142 21.34 -39.57 2.81
C LEU B 142 21.30 -40.11 4.25
N ASN B 143 20.12 -40.03 4.87
CA ASN B 143 19.92 -40.55 6.23
C ASN B 143 18.78 -41.56 6.23
N ASP B 144 18.61 -42.27 7.34
CA ASP B 144 17.56 -43.28 7.44
C ASP B 144 16.43 -42.93 8.41
N LEU B 145 16.21 -41.63 8.59
CA LEU B 145 15.15 -41.13 9.45
C LEU B 145 13.80 -41.24 8.75
N ASP B 146 12.75 -41.39 9.55
CA ASP B 146 11.38 -41.45 9.04
C ASP B 146 10.94 -39.98 9.08
N LEU B 147 11.34 -39.24 8.04
CA LEU B 147 11.03 -37.81 7.93
C LEU B 147 9.55 -37.48 8.07
N PRO B 148 8.62 -38.28 7.48
CA PRO B 148 7.20 -37.92 7.65
C PRO B 148 6.70 -37.95 9.11
N ASN B 149 7.37 -38.72 9.98
CA ASN B 149 6.97 -38.79 11.40
C ASN B 149 7.84 -37.95 12.35
N LEU B 150 8.66 -37.07 11.78
CA LEU B 150 9.53 -36.18 12.57
C LEU B 150 8.68 -35.02 13.09
N PHE B 151 9.13 -34.39 14.18
CA PHE B 151 8.43 -33.24 14.78
C PHE B 151 9.38 -32.07 14.88
N SER B 152 8.92 -30.88 14.49
CA SER B 152 9.72 -29.67 14.60
C SER B 152 9.15 -28.94 15.81
N VAL B 153 9.88 -29.06 16.93
CA VAL B 153 9.50 -28.47 18.21
C VAL B 153 10.30 -27.21 18.46
N THR B 154 9.61 -26.13 18.86
CA THR B 154 10.25 -24.86 19.11
C THR B 154 10.79 -24.78 20.54
N LEU B 155 12.08 -24.45 20.65
CA LEU B 155 12.72 -24.27 21.95
C LEU B 155 12.83 -22.74 22.07
N ARG B 156 11.68 -22.12 22.37
CA ARG B 156 11.48 -20.67 22.47
C ARG B 156 12.57 -19.72 22.94
N ASP B 157 12.76 -19.61 24.25
CA ASP B 157 13.75 -18.72 24.85
C ASP B 157 15.22 -19.00 24.48
N ALA B 158 15.48 -20.22 24.00
CA ALA B 158 16.82 -20.67 23.60
C ALA B 158 17.19 -20.29 22.19
N GLY B 159 16.20 -19.84 21.41
CA GLY B 159 16.42 -19.45 20.02
C GLY B 159 16.84 -20.62 19.16
N GLN B 160 16.21 -21.78 19.41
CA GLN B 160 16.50 -23.03 18.72
C GLN B 160 15.23 -23.83 18.43
N ILE B 161 15.38 -24.91 17.66
CA ILE B 161 14.32 -25.87 17.36
C ILE B 161 14.95 -27.25 17.52
N ALA B 162 14.12 -28.23 17.90
CA ALA B 162 14.59 -29.60 18.06
C ALA B 162 13.78 -30.52 17.17
N LEU B 163 14.47 -31.43 16.50
CA LEU B 163 13.80 -32.41 15.66
C LEU B 163 13.66 -33.67 16.52
N VAL B 164 12.42 -34.02 16.83
CA VAL B 164 12.15 -35.19 17.66
C VAL B 164 11.57 -36.35 16.83
N ASP B 165 12.23 -37.51 16.92
CA ASP B 165 11.81 -38.73 16.22
C ASP B 165 10.48 -39.19 16.82
N GLY B 166 9.48 -39.30 15.96
CA GLY B 166 8.15 -39.69 16.39
C GLY B 166 7.99 -40.99 17.14
N ASP B 167 8.64 -42.03 16.65
CA ASP B 167 8.55 -43.36 17.24
C ASP B 167 9.46 -43.63 18.45
N SER B 168 10.69 -43.13 18.42
CA SER B 168 11.66 -43.35 19.49
C SER B 168 11.50 -42.40 20.68
N LYS B 169 10.88 -41.24 20.43
CA LYS B 169 10.63 -40.17 21.41
C LYS B 169 11.93 -39.49 21.89
N LYS B 170 12.92 -39.45 21.00
CA LYS B 170 14.22 -38.85 21.29
C LYS B 170 14.56 -37.67 20.38
N ILE B 171 15.42 -36.79 20.88
CA ILE B 171 15.88 -35.63 20.11
C ILE B 171 16.99 -36.13 19.17
N VAL B 172 16.79 -35.87 17.88
CA VAL B 172 17.72 -36.26 16.82
C VAL B 172 18.72 -35.15 16.52
N LYS B 173 18.24 -33.90 16.49
CA LYS B 173 19.08 -32.75 16.18
C LYS B 173 18.49 -31.47 16.82
N VAL B 174 19.38 -30.60 17.31
CA VAL B 174 19.01 -29.30 17.90
C VAL B 174 19.70 -28.30 16.97
N ILE B 175 18.91 -27.39 16.39
CA ILE B 175 19.44 -26.41 15.45
C ILE B 175 19.29 -24.94 15.91
N ASP B 176 20.34 -24.14 15.70
CA ASP B 176 20.36 -22.72 16.04
C ASP B 176 19.51 -21.95 15.01
N THR B 177 18.53 -21.20 15.52
CA THR B 177 17.60 -20.44 14.69
C THR B 177 17.46 -18.98 15.14
N GLY B 178 16.34 -18.35 14.77
CA GLY B 178 16.06 -16.99 15.19
C GLY B 178 15.44 -17.07 16.59
N TYR B 179 15.36 -15.94 17.28
CA TYR B 179 14.79 -15.91 18.63
C TYR B 179 13.30 -16.17 18.61
N ALA B 180 12.88 -17.13 19.44
CA ALA B 180 11.50 -17.52 19.63
C ALA B 180 10.72 -17.83 18.35
N VAL B 181 11.04 -18.98 17.77
CA VAL B 181 10.39 -19.44 16.55
C VAL B 181 8.90 -19.56 16.78
N HIS B 182 8.13 -18.91 15.91
CA HIS B 182 6.70 -18.93 16.05
C HIS B 182 6.04 -20.15 15.41
N ILE B 183 6.37 -20.42 14.14
CA ILE B 183 5.83 -21.58 13.43
C ILE B 183 6.88 -22.34 12.60
N SER B 184 6.50 -23.55 12.17
CA SER B 184 7.32 -24.38 11.30
C SER B 184 6.41 -24.80 10.17
N ARG B 185 6.91 -24.69 8.94
CA ARG B 185 6.17 -25.10 7.76
C ARG B 185 7.07 -25.94 6.89
N MET B 186 6.47 -26.88 6.16
CA MET B 186 7.21 -27.75 5.25
C MET B 186 7.00 -27.29 3.83
N SER B 187 7.97 -27.63 2.97
CA SER B 187 7.89 -27.31 1.55
C SER B 187 7.02 -28.40 0.91
N ALA B 188 6.47 -28.12 -0.28
CA ALA B 188 5.59 -29.08 -0.96
C ALA B 188 6.23 -30.40 -1.39
N SER B 189 7.56 -30.45 -1.39
CA SER B 189 8.32 -31.65 -1.75
C SER B 189 8.54 -32.56 -0.54
N GLY B 190 8.38 -31.97 0.65
CA GLY B 190 8.56 -32.71 1.90
C GLY B 190 10.02 -32.82 2.31
N ARG B 191 10.87 -32.08 1.62
CA ARG B 191 12.32 -32.07 1.85
C ARG B 191 12.82 -30.94 2.76
N TYR B 192 12.31 -29.74 2.52
CA TYR B 192 12.75 -28.57 3.29
C TYR B 192 11.85 -28.08 4.41
N LEU B 193 12.44 -27.95 5.59
CA LEU B 193 11.72 -27.43 6.75
C LEU B 193 12.06 -25.94 6.84
N LEU B 194 11.01 -25.13 7.00
CA LEU B 194 11.16 -23.68 7.08
C LEU B 194 10.66 -23.18 8.44
N VAL B 195 11.53 -22.49 9.17
CA VAL B 195 11.20 -21.92 10.48
C VAL B 195 11.44 -20.41 10.48
N ILE B 196 10.60 -19.66 11.21
CA ILE B 196 10.72 -18.21 11.32
C ILE B 196 10.62 -17.76 12.79
N GLY B 197 11.56 -16.90 13.19
CA GLY B 197 11.58 -16.37 14.54
C GLY B 197 10.75 -15.11 14.61
N ARG B 198 10.45 -14.64 15.81
CA ARG B 198 9.68 -13.41 15.97
C ARG B 198 10.52 -12.21 15.57
N ASP B 199 11.83 -12.42 15.50
CA ASP B 199 12.81 -11.39 15.11
C ASP B 199 12.90 -11.28 13.58
N ALA B 200 12.01 -12.01 12.91
CA ALA B 200 11.89 -12.08 11.45
C ALA B 200 13.02 -12.79 10.71
N ARG B 201 13.77 -13.63 11.44
CA ARG B 201 14.85 -14.40 10.84
C ARG B 201 14.30 -15.76 10.41
N ILE B 202 14.54 -16.12 9.15
CA ILE B 202 14.08 -17.37 8.56
C ILE B 202 15.26 -18.33 8.37
N ASP B 203 15.04 -19.61 8.64
CA ASP B 203 16.04 -20.65 8.46
C ASP B 203 15.41 -21.77 7.62
N MET B 204 16.15 -22.21 6.60
CA MET B 204 15.73 -23.28 5.69
C MET B 204 16.60 -24.50 6.01
N ILE B 205 15.96 -25.61 6.38
CA ILE B 205 16.67 -26.85 6.75
C ILE B 205 16.42 -28.03 5.78
N ASP B 206 17.52 -28.59 5.28
CA ASP B 206 17.50 -29.74 4.36
C ASP B 206 17.47 -31.02 5.18
N LEU B 207 16.33 -31.71 5.12
CA LEU B 207 16.15 -32.98 5.84
C LEU B 207 16.82 -34.17 5.14
N TRP B 208 17.42 -33.91 3.98
CA TRP B 208 18.09 -34.95 3.18
C TRP B 208 19.58 -35.12 3.43
N ALA B 209 20.21 -34.14 4.10
CA ALA B 209 21.63 -34.19 4.44
C ALA B 209 21.84 -35.29 5.49
N LYS B 210 23.06 -35.84 5.60
CA LYS B 210 23.40 -36.92 6.56
C LYS B 210 22.81 -36.68 7.94
N GLU B 211 22.87 -35.40 8.30
CA GLU B 211 22.34 -34.86 9.53
C GLU B 211 21.69 -33.59 9.00
N PRO B 212 20.39 -33.37 9.30
CA PRO B 212 19.68 -32.16 8.83
C PRO B 212 20.41 -30.84 9.11
N THR B 213 20.77 -30.13 8.04
CA THR B 213 21.48 -28.85 8.17
C THR B 213 20.79 -27.68 7.49
N LYS B 214 21.19 -26.48 7.92
CA LYS B 214 20.66 -25.23 7.38
C LYS B 214 21.37 -24.96 6.06
N VAL B 215 20.58 -24.66 5.03
CA VAL B 215 21.12 -24.36 3.70
C VAL B 215 21.06 -22.89 3.33
N ALA B 216 20.26 -22.13 4.08
CA ALA B 216 20.08 -20.68 3.87
C ALA B 216 19.34 -19.98 4.99
N GLU B 217 19.57 -18.66 5.09
CA GLU B 217 18.93 -17.79 6.08
C GLU B 217 18.80 -16.34 5.59
N ILE B 218 17.79 -15.64 6.11
CA ILE B 218 17.50 -14.24 5.76
C ILE B 218 16.63 -13.61 6.86
N LYS B 219 16.69 -12.28 6.96
CA LYS B 219 15.88 -11.53 7.92
C LYS B 219 14.97 -10.61 7.08
N ILE B 220 13.66 -10.86 7.14
CA ILE B 220 12.66 -10.13 6.36
C ILE B 220 12.02 -8.87 6.98
N GLY B 221 12.42 -8.53 8.21
CA GLY B 221 11.89 -7.38 8.92
C GLY B 221 12.47 -7.28 10.32
N ILE B 222 11.84 -6.49 11.18
CA ILE B 222 12.27 -6.35 12.57
C ILE B 222 11.46 -7.33 13.43
N GLU B 223 10.19 -7.53 13.06
CA GLU B 223 9.29 -8.44 13.76
C GLU B 223 8.36 -9.17 12.78
N ALA B 224 8.20 -10.48 12.96
CA ALA B 224 7.36 -11.32 12.10
C ALA B 224 6.75 -12.51 12.81
N ARG B 225 5.82 -13.20 12.15
CA ARG B 225 5.15 -14.37 12.72
C ARG B 225 4.97 -15.56 11.76
N SER B 226 4.68 -15.26 10.50
CA SER B 226 4.41 -16.31 9.50
C SER B 226 5.35 -16.51 8.32
N VAL B 227 5.42 -17.77 7.88
CA VAL B 227 6.21 -18.20 6.72
C VAL B 227 5.41 -19.28 6.00
N GLU B 228 5.48 -19.30 4.67
CA GLU B 228 4.76 -20.29 3.86
C GLU B 228 5.43 -20.54 2.52
N SER B 229 5.18 -21.73 1.98
CA SER B 229 5.74 -22.17 0.70
C SER B 229 4.61 -22.44 -0.30
N SER B 230 4.94 -22.31 -1.59
CA SER B 230 4.01 -22.53 -2.70
C SER B 230 3.54 -23.98 -2.81
N LYS B 231 2.22 -24.18 -2.86
CA LYS B 231 1.66 -25.53 -2.92
C LYS B 231 0.81 -25.93 -4.13
N PHE B 232 0.69 -25.03 -5.11
CA PHE B 232 -0.07 -25.30 -6.33
C PHE B 232 0.73 -26.23 -7.25
N LYS B 233 0.03 -27.18 -7.88
CA LYS B 233 0.65 -28.17 -8.78
C LYS B 233 1.59 -27.52 -9.80
N GLY B 234 2.83 -28.01 -9.85
CA GLY B 234 3.83 -27.47 -10.76
C GLY B 234 4.72 -26.39 -10.17
N TYR B 235 4.52 -26.06 -8.88
CA TYR B 235 5.30 -25.02 -8.22
C TYR B 235 6.03 -25.47 -6.94
N GLU B 236 6.40 -26.75 -6.89
CA GLU B 236 7.11 -27.32 -5.74
C GLU B 236 8.45 -26.61 -5.55
N ASP B 237 8.71 -26.15 -4.31
CA ASP B 237 9.92 -25.42 -3.89
C ASP B 237 10.21 -24.15 -4.72
N ARG B 238 9.18 -23.58 -5.34
CA ARG B 238 9.38 -22.37 -6.16
C ARG B 238 9.51 -21.07 -5.39
N TYR B 239 8.53 -20.77 -4.54
CA TYR B 239 8.54 -19.54 -3.76
C TYR B 239 8.24 -19.71 -2.28
N THR B 240 8.83 -18.82 -1.49
CA THR B 240 8.65 -18.77 -0.05
C THR B 240 8.22 -17.34 0.31
N ILE B 241 7.15 -17.25 1.08
CA ILE B 241 6.62 -15.95 1.50
C ILE B 241 6.69 -15.85 3.02
N ALA B 242 6.88 -14.63 3.51
CA ALA B 242 6.94 -14.38 4.93
C ALA B 242 6.22 -13.08 5.22
N GLY B 243 5.52 -13.03 6.35
CA GLY B 243 4.80 -11.85 6.75
C GLY B 243 5.37 -11.16 7.96
N ALA B 244 5.46 -9.83 7.90
CA ALA B 244 6.02 -9.03 8.98
C ALA B 244 5.04 -8.15 9.74
N TYR B 245 5.36 -7.94 11.02
CA TYR B 245 4.59 -7.05 11.90
C TYR B 245 5.21 -5.65 11.72
N TRP B 246 6.54 -5.57 11.85
CA TRP B 246 7.24 -4.30 11.65
C TRP B 246 8.44 -4.58 10.73
N PRO B 247 8.52 -3.91 9.56
CA PRO B 247 7.55 -3.01 8.90
C PRO B 247 6.29 -3.74 8.40
N PRO B 248 5.15 -3.03 8.26
CA PRO B 248 3.92 -3.69 7.78
C PRO B 248 4.13 -4.08 6.32
N GLN B 249 4.58 -5.31 6.12
CA GLN B 249 4.92 -5.83 4.80
C GLN B 249 5.05 -7.34 4.77
N PHE B 250 5.16 -7.86 3.54
CA PHE B 250 5.41 -9.28 3.30
C PHE B 250 6.54 -9.36 2.26
N ALA B 251 7.22 -10.50 2.20
CA ALA B 251 8.31 -10.66 1.24
C ALA B 251 8.25 -12.00 0.53
N ILE B 252 8.42 -11.97 -0.79
CA ILE B 252 8.42 -13.19 -1.61
C ILE B 252 9.88 -13.47 -1.96
N MET B 253 10.28 -14.70 -1.69
CA MET B 253 11.64 -15.18 -1.91
C MET B 253 11.69 -16.42 -2.78
N ASP B 254 12.89 -16.76 -3.26
CA ASP B 254 13.16 -17.94 -4.09
C ASP B 254 13.06 -19.14 -3.14
N GLY B 255 12.29 -20.14 -3.53
CA GLY B 255 12.11 -21.32 -2.69
C GLY B 255 13.25 -22.32 -2.55
N GLU B 256 14.34 -22.11 -3.28
CA GLU B 256 15.51 -22.97 -3.23
C GLU B 256 16.65 -22.32 -2.45
N THR B 257 16.85 -21.02 -2.67
CA THR B 257 17.94 -20.25 -2.04
C THR B 257 17.57 -19.18 -0.99
N LEU B 258 16.30 -18.79 -0.97
CA LEU B 258 15.73 -17.73 -0.10
C LEU B 258 16.09 -16.32 -0.57
N GLU B 259 16.39 -16.19 -1.87
CA GLU B 259 16.74 -14.90 -2.48
C GLU B 259 15.58 -13.92 -2.49
N PRO B 260 15.76 -12.73 -1.87
CA PRO B 260 14.68 -11.73 -1.84
C PRO B 260 14.33 -11.21 -3.25
N LYS B 261 13.09 -11.47 -3.66
CA LYS B 261 12.60 -11.07 -4.97
C LYS B 261 11.69 -9.85 -4.94
N GLN B 262 10.67 -9.88 -4.08
CA GLN B 262 9.70 -8.77 -3.95
C GLN B 262 9.31 -8.49 -2.51
N ILE B 263 9.14 -7.21 -2.19
CA ILE B 263 8.70 -6.76 -0.87
C ILE B 263 7.50 -5.85 -1.18
N VAL B 264 6.38 -6.10 -0.49
CA VAL B 264 5.15 -5.34 -0.68
C VAL B 264 4.64 -4.80 0.66
N SER B 265 4.36 -3.49 0.71
CA SER B 265 3.84 -2.83 1.92
C SER B 265 2.36 -3.15 2.16
N THR B 266 1.98 -3.30 3.43
CA THR B 266 0.59 -3.57 3.76
C THR B 266 -0.11 -2.36 4.39
N ARG B 267 0.59 -1.23 4.38
CA ARG B 267 0.05 0.03 4.88
C ARG B 267 -1.07 0.47 3.94
N GLY B 268 -2.28 0.65 4.48
CA GLY B 268 -3.39 1.05 3.63
C GLY B 268 -4.67 1.43 4.36
N MET B 269 -5.78 1.33 3.62
CA MET B 269 -7.11 1.66 4.12
C MET B 269 -7.82 0.48 4.78
N THR B 270 -8.55 0.76 5.85
CA THR B 270 -9.30 -0.24 6.62
C THR B 270 -10.57 -0.74 5.92
N VAL B 271 -11.06 -1.92 6.28
CA VAL B 271 -12.28 -2.47 5.68
C VAL B 271 -13.55 -1.81 6.24
N ASP B 272 -13.56 -1.60 7.55
CA ASP B 272 -14.71 -0.98 8.23
C ASP B 272 -14.93 0.53 7.99
N THR B 273 -14.04 1.36 8.51
CA THR B 273 -14.14 2.82 8.41
C THR B 273 -13.58 3.41 7.12
N GLN B 274 -12.75 2.63 6.43
CA GLN B 274 -12.08 3.04 5.18
C GLN B 274 -11.23 4.29 5.37
N THR B 275 -10.44 4.27 6.44
CA THR B 275 -9.51 5.33 6.79
C THR B 275 -8.10 4.72 6.76
N TYR B 276 -7.09 5.56 6.67
CA TYR B 276 -5.70 5.11 6.63
C TYR B 276 -5.20 4.56 7.95
N HIS B 277 -4.46 3.46 7.86
CA HIS B 277 -3.86 2.83 9.02
C HIS B 277 -2.36 2.65 8.71
N PRO B 278 -1.47 3.26 9.54
CA PRO B 278 -0.01 3.17 9.37
C PRO B 278 0.69 1.93 9.92
N GLU B 279 -0.06 1.00 10.52
CA GLU B 279 0.55 -0.22 11.03
C GLU B 279 -0.30 -1.51 10.87
N PRO B 280 -0.61 -1.91 9.63
CA PRO B 280 -1.40 -3.13 9.43
C PRO B 280 -0.47 -4.33 9.39
N ARG B 281 -0.43 -5.03 10.51
CA ARG B 281 0.42 -6.20 10.72
C ARG B 281 -0.04 -7.42 9.94
N VAL B 282 0.92 -8.13 9.36
CA VAL B 282 0.60 -9.34 8.60
C VAL B 282 0.48 -10.49 9.57
N ALA B 283 -0.63 -11.21 9.48
CA ALA B 283 -0.90 -12.35 10.33
C ALA B 283 -0.67 -13.66 9.58
N ALA B 284 -1.67 -14.53 9.55
CA ALA B 284 -1.56 -15.83 8.87
C ALA B 284 -1.43 -15.79 7.37
N ILE B 285 -0.67 -16.77 6.84
CA ILE B 285 -0.48 -16.94 5.40
C ILE B 285 -0.72 -18.41 5.07
N ILE B 286 -1.48 -18.66 4.00
CA ILE B 286 -1.76 -20.02 3.56
C ILE B 286 -1.69 -20.12 2.04
N ALA B 287 -1.03 -21.17 1.54
CA ALA B 287 -0.87 -21.40 0.11
C ALA B 287 -2.11 -22.03 -0.49
N SER B 288 -2.57 -21.45 -1.59
CA SER B 288 -3.75 -21.92 -2.32
C SER B 288 -3.43 -23.15 -3.15
N HIS B 289 -4.41 -24.04 -3.25
CA HIS B 289 -4.28 -25.27 -4.03
C HIS B 289 -5.07 -25.10 -5.33
N GLU B 290 -5.94 -24.09 -5.35
CA GLU B 290 -6.80 -23.79 -6.48
C GLU B 290 -6.22 -22.89 -7.57
N HIS B 291 -5.38 -21.93 -7.17
CA HIS B 291 -4.74 -20.98 -8.08
C HIS B 291 -3.32 -20.77 -7.59
N PRO B 292 -2.37 -20.38 -8.48
CA PRO B 292 -0.99 -20.15 -8.02
C PRO B 292 -0.92 -18.85 -7.19
N GLU B 293 -1.48 -18.94 -5.98
CA GLU B 293 -1.62 -17.83 -5.04
C GLU B 293 -1.25 -18.09 -3.58
N PHE B 294 -1.02 -16.99 -2.86
CA PHE B 294 -0.74 -16.98 -1.43
C PHE B 294 -1.88 -16.16 -0.86
N ILE B 295 -2.53 -16.70 0.17
CA ILE B 295 -3.65 -16.05 0.83
C ILE B 295 -3.07 -15.41 2.10
N VAL B 296 -2.85 -14.09 2.02
CA VAL B 296 -2.26 -13.30 3.09
C VAL B 296 -3.27 -12.50 3.93
N ASN B 297 -3.20 -12.68 5.24
CA ASN B 297 -4.07 -11.97 6.20
C ASN B 297 -3.41 -10.67 6.67
N VAL B 298 -4.13 -9.56 6.52
CA VAL B 298 -3.65 -8.25 6.99
C VAL B 298 -4.62 -7.87 8.09
N LYS B 299 -4.11 -7.94 9.32
CA LYS B 299 -4.83 -7.70 10.56
C LYS B 299 -5.70 -6.46 10.78
N GLU B 300 -5.09 -5.35 11.18
CA GLU B 300 -5.81 -4.10 11.49
C GLU B 300 -6.71 -3.54 10.40
N THR B 301 -6.38 -3.83 9.14
CA THR B 301 -7.18 -3.36 8.01
C THR B 301 -8.28 -4.34 7.65
N GLY B 302 -8.16 -5.59 8.13
CA GLY B 302 -9.14 -6.62 7.87
C GLY B 302 -9.24 -7.07 6.43
N LYS B 303 -8.09 -7.18 5.79
CA LYS B 303 -7.96 -7.54 4.38
C LYS B 303 -7.29 -8.88 4.12
N VAL B 304 -7.87 -9.64 3.19
CA VAL B 304 -7.29 -10.93 2.79
C VAL B 304 -6.80 -10.70 1.37
N LEU B 305 -5.48 -10.86 1.18
CA LEU B 305 -4.83 -10.64 -0.11
C LEU B 305 -4.48 -11.92 -0.84
N LEU B 306 -4.89 -11.99 -2.11
CA LEU B 306 -4.58 -13.14 -2.95
C LEU B 306 -3.45 -12.71 -3.86
N VAL B 307 -2.24 -13.08 -3.45
CA VAL B 307 -1.01 -12.73 -4.13
C VAL B 307 -0.64 -13.79 -5.14
N ASN B 308 -0.78 -13.46 -6.43
CA ASN B 308 -0.46 -14.38 -7.51
C ASN B 308 1.04 -14.41 -7.80
N TYR B 309 1.59 -15.62 -7.86
CA TYR B 309 3.02 -15.79 -8.12
C TYR B 309 3.42 -16.36 -9.50
N LYS B 310 2.47 -16.44 -10.42
CA LYS B 310 2.71 -16.95 -11.79
C LYS B 310 3.74 -16.07 -12.49
N ASP B 311 3.71 -14.78 -12.14
CA ASP B 311 4.62 -13.76 -12.65
C ASP B 311 4.92 -12.87 -11.43
N ILE B 312 6.09 -13.08 -10.81
CA ILE B 312 6.50 -12.29 -9.65
C ILE B 312 7.18 -10.97 -10.01
N ASP B 313 7.41 -10.74 -11.30
CA ASP B 313 8.04 -9.49 -11.76
C ASP B 313 6.97 -8.41 -11.84
N ASN B 314 5.76 -8.82 -12.23
CA ASN B 314 4.59 -7.94 -12.33
C ASN B 314 3.50 -8.64 -11.50
N LEU B 315 3.53 -8.36 -10.20
CA LEU B 315 2.61 -8.94 -9.21
C LEU B 315 1.15 -8.52 -9.26
N THR B 316 0.26 -9.51 -9.24
CA THR B 316 -1.17 -9.26 -9.23
C THR B 316 -1.71 -9.65 -7.86
N VAL B 317 -2.39 -8.69 -7.24
CA VAL B 317 -2.98 -8.87 -5.91
C VAL B 317 -4.47 -8.53 -5.95
N THR B 318 -5.28 -9.41 -5.34
CA THR B 318 -6.72 -9.19 -5.22
C THR B 318 -6.97 -8.96 -3.73
N SER B 319 -7.50 -7.77 -3.44
CA SER B 319 -7.78 -7.38 -2.08
C SER B 319 -9.24 -7.63 -1.68
N ILE B 320 -9.44 -8.72 -0.92
CA ILE B 320 -10.77 -9.11 -0.46
C ILE B 320 -10.99 -8.53 0.92
N GLY B 321 -12.13 -7.87 1.10
CA GLY B 321 -12.45 -7.29 2.39
C GLY B 321 -13.13 -8.33 3.26
N ALA B 322 -12.73 -8.40 4.53
CA ALA B 322 -13.29 -9.36 5.47
C ALA B 322 -13.84 -8.67 6.73
N ALA B 323 -13.12 -8.77 7.84
CA ALA B 323 -13.51 -8.17 9.13
C ALA B 323 -12.23 -7.79 9.88
N PRO B 324 -12.25 -6.70 10.69
CA PRO B 324 -11.05 -6.30 11.44
C PRO B 324 -10.43 -7.33 12.37
N PHE B 325 -9.11 -7.20 12.54
CA PHE B 325 -8.29 -8.06 13.40
C PHE B 325 -8.15 -9.53 13.01
N LEU B 326 -7.88 -9.75 11.71
CA LEU B 326 -7.66 -11.08 11.16
C LEU B 326 -6.40 -11.64 11.79
N HIS B 327 -6.49 -12.88 12.25
CA HIS B 327 -5.37 -13.51 12.89
C HIS B 327 -4.99 -14.85 12.28
N ASP B 328 -5.39 -15.93 12.95
CA ASP B 328 -5.08 -17.29 12.53
C ASP B 328 -6.21 -18.01 11.80
N GLY B 329 -5.87 -19.14 11.19
CA GLY B 329 -6.86 -19.92 10.46
C GLY B 329 -6.30 -21.12 9.72
N GLY B 330 -7.20 -21.84 9.07
CA GLY B 330 -6.82 -23.02 8.30
C GLY B 330 -7.91 -23.51 7.37
N TRP B 331 -7.55 -24.49 6.55
CA TRP B 331 -8.46 -25.09 5.58
C TRP B 331 -9.58 -25.93 6.16
N ASP B 332 -10.66 -26.04 5.37
CA ASP B 332 -11.81 -26.87 5.72
C ASP B 332 -11.37 -28.30 5.30
N SER B 333 -12.23 -29.31 5.43
CA SER B 333 -11.82 -30.68 5.06
C SER B 333 -11.39 -30.86 3.58
N SER B 334 -12.03 -30.11 2.69
CA SER B 334 -11.78 -30.18 1.25
C SER B 334 -10.62 -29.35 0.70
N HIS B 335 -10.01 -28.52 1.54
CA HIS B 335 -8.89 -27.62 1.20
C HIS B 335 -9.24 -26.55 0.17
N ARG B 336 -10.41 -25.93 0.34
CA ARG B 336 -10.90 -24.89 -0.57
C ARG B 336 -11.28 -23.60 0.17
N TYR B 337 -11.86 -23.76 1.36
CA TYR B 337 -12.30 -22.62 2.15
C TYR B 337 -11.38 -22.29 3.31
N PHE B 338 -10.77 -21.11 3.25
CA PHE B 338 -9.88 -20.63 4.30
C PHE B 338 -10.75 -20.02 5.38
N MET B 339 -10.78 -20.74 6.50
CA MET B 339 -11.56 -20.37 7.66
C MET B 339 -10.64 -19.63 8.65
N THR B 340 -10.70 -18.30 8.59
CA THR B 340 -9.87 -17.48 9.45
C THR B 340 -10.68 -16.70 10.48
N ALA B 341 -10.06 -16.44 11.63
CA ALA B 341 -10.70 -15.71 12.71
C ALA B 341 -10.29 -14.25 12.82
N ALA B 342 -11.31 -13.40 12.90
CA ALA B 342 -11.15 -11.97 13.11
C ALA B 342 -11.45 -11.84 14.60
N ASN B 343 -10.44 -12.23 15.40
CA ASN B 343 -10.52 -12.30 16.85
C ASN B 343 -11.19 -11.23 17.70
N ASN B 344 -10.81 -9.97 17.54
CA ASN B 344 -11.43 -8.91 18.32
C ASN B 344 -12.81 -8.51 17.80
N SER B 345 -13.17 -9.01 16.62
CA SER B 345 -14.47 -8.74 16.00
C SER B 345 -15.46 -9.85 16.35
N ASN B 346 -14.94 -10.90 17.01
CA ASN B 346 -15.69 -12.09 17.42
C ASN B 346 -16.39 -12.81 16.24
N LYS B 347 -15.67 -12.90 15.12
CA LYS B 347 -16.16 -13.51 13.89
C LYS B 347 -15.15 -14.41 13.20
N VAL B 348 -15.65 -15.26 12.31
CA VAL B 348 -14.82 -16.16 11.51
C VAL B 348 -15.18 -15.89 10.05
N ALA B 349 -14.16 -15.50 9.28
CA ALA B 349 -14.30 -15.21 7.86
C ALA B 349 -14.04 -16.45 7.03
N VAL B 350 -14.84 -16.64 5.98
CA VAL B 350 -14.69 -17.78 5.09
C VAL B 350 -14.26 -17.26 3.71
N ILE B 351 -13.06 -17.64 3.29
CA ILE B 351 -12.49 -17.24 2.00
C ILE B 351 -12.51 -18.41 1.03
N ASP B 352 -13.25 -18.27 -0.07
CA ASP B 352 -13.35 -19.27 -1.13
C ASP B 352 -12.10 -19.11 -2.00
N SER B 353 -11.18 -20.07 -1.93
CA SER B 353 -9.94 -19.98 -2.71
C SER B 353 -10.14 -20.25 -4.20
N LYS B 354 -11.28 -20.88 -4.53
CA LYS B 354 -11.59 -21.20 -5.92
C LYS B 354 -12.28 -20.05 -6.66
N ASP B 355 -13.41 -19.59 -6.13
CA ASP B 355 -14.15 -18.50 -6.74
C ASP B 355 -13.59 -17.13 -6.37
N ARG B 356 -12.56 -17.15 -5.51
CA ARG B 356 -11.82 -15.97 -5.04
C ARG B 356 -12.70 -14.84 -4.46
N ARG B 357 -13.42 -15.18 -3.40
CA ARG B 357 -14.34 -14.25 -2.73
C ARG B 357 -14.60 -14.59 -1.26
N LEU B 358 -15.22 -13.65 -0.55
CA LEU B 358 -15.61 -13.83 0.84
C LEU B 358 -16.96 -14.56 0.74
N SER B 359 -16.99 -15.80 1.23
CA SER B 359 -18.19 -16.63 1.22
C SER B 359 -19.15 -16.23 2.32
N ALA B 360 -18.59 -15.84 3.47
CA ALA B 360 -19.36 -15.41 4.65
C ALA B 360 -18.52 -14.94 5.82
N LEU B 361 -19.22 -14.37 6.80
CA LEU B 361 -18.66 -13.88 8.06
C LEU B 361 -19.59 -14.50 9.11
N VAL B 362 -19.05 -15.46 9.85
CA VAL B 362 -19.80 -16.20 10.87
C VAL B 362 -19.53 -15.71 12.29
N ASP B 363 -20.61 -15.32 12.98
CA ASP B 363 -20.52 -14.84 14.37
C ASP B 363 -20.26 -16.04 15.29
N VAL B 364 -19.27 -15.90 16.16
CA VAL B 364 -18.89 -16.95 17.10
C VAL B 364 -18.87 -16.38 18.53
N GLY B 365 -18.06 -16.95 19.44
CA GLY B 365 -17.97 -16.45 20.81
C GLY B 365 -16.93 -15.36 20.97
N LYS B 366 -16.51 -15.07 22.21
CA LYS B 366 -15.51 -14.01 22.47
C LYS B 366 -14.08 -14.43 22.21
N THR B 367 -13.42 -13.66 21.34
CA THR B 367 -12.02 -13.84 20.93
C THR B 367 -11.69 -15.26 20.41
N PRO B 368 -12.17 -15.60 19.18
CA PRO B 368 -11.89 -16.93 18.62
C PRO B 368 -10.43 -17.16 18.29
N HIS B 369 -9.93 -18.31 18.73
CA HIS B 369 -8.55 -18.68 18.49
C HIS B 369 -8.49 -20.13 18.02
N PRO B 370 -8.59 -20.34 16.70
CA PRO B 370 -8.56 -21.67 16.09
C PRO B 370 -7.25 -22.32 15.81
N GLY B 371 -6.22 -21.51 15.56
CA GLY B 371 -4.95 -22.06 15.16
C GLY B 371 -5.28 -22.37 13.71
N ARG B 372 -5.21 -23.64 13.34
CA ARG B 372 -5.55 -24.06 12.00
C ARG B 372 -6.94 -24.70 11.97
N GLY B 373 -7.49 -24.90 13.17
CA GLY B 373 -8.83 -25.47 13.32
C GLY B 373 -8.89 -26.98 13.43
N ALA B 374 -10.11 -27.51 13.56
CA ALA B 374 -10.35 -28.94 13.65
C ALA B 374 -11.56 -29.34 12.81
N ASN B 375 -11.29 -30.17 11.79
CA ASN B 375 -12.31 -30.66 10.87
C ASN B 375 -12.75 -32.09 11.14
N PHE B 376 -14.05 -32.33 11.14
CA PHE B 376 -14.65 -33.66 11.33
C PHE B 376 -16.08 -33.66 10.76
N VAL B 377 -16.62 -34.85 10.51
CA VAL B 377 -17.99 -34.99 10.00
C VAL B 377 -18.96 -35.20 11.17
N HIS B 378 -19.86 -34.23 11.36
CA HIS B 378 -20.88 -34.28 12.41
C HIS B 378 -21.98 -35.23 11.92
N PRO B 379 -22.50 -36.12 12.79
CA PRO B 379 -23.57 -37.06 12.40
C PRO B 379 -24.88 -36.43 11.90
N LYS B 380 -25.21 -35.25 12.44
CA LYS B 380 -26.42 -34.52 12.08
C LYS B 380 -26.20 -33.37 11.09
N TYR B 381 -25.06 -32.67 11.22
CA TYR B 381 -24.78 -31.52 10.38
C TYR B 381 -23.82 -31.64 9.19
N GLY B 382 -23.24 -32.83 8.98
CA GLY B 382 -22.31 -33.03 7.88
C GLY B 382 -20.92 -32.48 8.19
N PRO B 383 -20.09 -32.17 7.17
CA PRO B 383 -18.74 -31.62 7.39
C PRO B 383 -18.69 -30.30 8.15
N VAL B 384 -17.97 -30.28 9.27
CA VAL B 384 -17.81 -29.05 10.06
C VAL B 384 -16.37 -28.68 10.35
N TRP B 385 -16.17 -27.41 10.70
CA TRP B 385 -14.87 -26.85 11.07
C TRP B 385 -15.12 -26.28 12.46
N SER B 386 -14.15 -26.50 13.36
CA SER B 386 -14.30 -26.04 14.72
C SER B 386 -13.22 -25.12 15.27
N THR B 387 -13.61 -24.34 16.28
CA THR B 387 -12.73 -23.40 16.96
C THR B 387 -13.10 -23.23 18.42
N SER B 388 -12.09 -23.04 19.26
CA SER B 388 -12.26 -22.77 20.67
C SER B 388 -11.99 -21.27 20.83
N HIS B 389 -12.13 -20.73 22.05
CA HIS B 389 -11.97 -19.29 22.29
C HIS B 389 -11.08 -18.88 23.45
N LEU B 390 -10.62 -17.63 23.42
CA LEU B 390 -9.80 -17.09 24.50
C LEU B 390 -10.68 -16.35 25.53
N GLY B 391 -11.77 -15.75 25.03
CA GLY B 391 -12.69 -15.00 25.86
C GLY B 391 -13.77 -15.77 26.61
N ASP B 392 -14.01 -17.02 26.22
CA ASP B 392 -14.98 -17.90 26.89
C ASP B 392 -14.66 -19.38 26.68
N GLY B 393 -15.47 -20.24 27.29
CA GLY B 393 -15.27 -21.69 27.19
C GLY B 393 -15.94 -22.44 26.06
N SER B 394 -16.57 -21.71 25.14
CA SER B 394 -17.27 -22.33 24.03
C SER B 394 -16.40 -22.81 22.88
N ILE B 395 -16.94 -23.78 22.15
CA ILE B 395 -16.31 -24.36 20.98
C ILE B 395 -17.38 -24.22 19.90
N SER B 396 -17.09 -23.44 18.86
CA SER B 396 -18.03 -23.25 17.76
C SER B 396 -17.87 -24.28 16.66
N LEU B 397 -18.98 -24.83 16.17
CA LEU B 397 -18.98 -25.81 15.07
C LEU B 397 -19.65 -25.11 13.88
N ILE B 398 -18.93 -25.00 12.77
CA ILE B 398 -19.41 -24.32 11.55
C ILE B 398 -19.47 -25.26 10.33
N GLY B 399 -20.64 -25.31 9.68
CA GLY B 399 -20.85 -26.15 8.50
C GLY B 399 -20.02 -25.73 7.30
N THR B 400 -19.26 -26.66 6.72
CA THR B 400 -18.39 -26.36 5.58
C THR B 400 -18.68 -27.08 4.26
N ASP B 401 -19.95 -27.35 3.99
CA ASP B 401 -20.35 -28.08 2.78
C ASP B 401 -21.52 -27.38 2.06
N PRO B 402 -21.24 -26.39 1.18
CA PRO B 402 -22.35 -25.72 0.48
C PRO B 402 -22.99 -26.56 -0.63
N LYS B 403 -22.25 -27.56 -1.09
CA LYS B 403 -22.71 -28.46 -2.13
C LYS B 403 -23.70 -29.54 -1.73
N ASN B 404 -23.44 -30.23 -0.62
CA ASN B 404 -24.33 -31.29 -0.14
C ASN B 404 -25.04 -31.00 1.18
N HIS B 405 -24.79 -29.81 1.74
CA HIS B 405 -25.42 -29.38 3.00
C HIS B 405 -25.69 -27.86 3.04
N PRO B 406 -26.44 -27.30 2.06
CA PRO B 406 -26.74 -25.86 2.02
C PRO B 406 -27.42 -25.25 3.24
N GLN B 407 -28.20 -26.07 3.95
CA GLN B 407 -28.92 -25.64 5.16
C GLN B 407 -27.98 -25.22 6.27
N TYR B 408 -26.79 -25.83 6.28
CA TYR B 408 -25.80 -25.61 7.33
C TYR B 408 -24.56 -24.86 6.93
N ALA B 409 -24.41 -24.60 5.62
CA ALA B 409 -23.26 -23.86 5.10
C ALA B 409 -23.13 -22.46 5.71
N TRP B 410 -21.97 -22.27 6.36
CA TRP B 410 -21.56 -21.04 7.04
C TRP B 410 -22.41 -20.60 8.22
N LYS B 411 -23.01 -21.58 8.89
CA LYS B 411 -23.82 -21.34 10.07
C LYS B 411 -23.16 -21.96 11.30
N LYS B 412 -23.25 -21.25 12.44
CA LYS B 412 -22.72 -21.74 13.71
C LYS B 412 -23.82 -22.70 14.15
N VAL B 413 -23.65 -23.88 13.61
CA VAL B 413 -24.51 -25.03 13.74
C VAL B 413 -24.76 -25.60 15.14
N ALA B 414 -23.71 -25.61 15.97
CA ALA B 414 -23.80 -26.10 17.35
C ALA B 414 -22.60 -25.61 18.15
N GLU B 415 -22.70 -25.75 19.46
CA GLU B 415 -21.66 -25.36 20.41
C GLU B 415 -21.36 -26.48 21.39
N LEU B 416 -20.12 -26.51 21.85
CA LEU B 416 -19.64 -27.48 22.85
C LEU B 416 -19.01 -26.62 23.95
N GLN B 417 -18.95 -27.15 25.17
CA GLN B 417 -18.35 -26.40 26.28
C GLN B 417 -17.10 -27.05 26.84
N GLY B 418 -16.06 -26.24 26.96
CA GLY B 418 -14.79 -26.70 27.50
C GLY B 418 -14.63 -26.30 28.95
N GLN B 419 -13.40 -26.40 29.47
CA GLN B 419 -13.05 -26.07 30.85
C GLN B 419 -13.21 -24.58 31.19
N GLY B 420 -12.97 -23.72 30.20
CA GLY B 420 -13.08 -22.29 30.39
C GLY B 420 -12.37 -21.49 29.32
N GLY B 421 -12.17 -20.21 29.61
CA GLY B 421 -11.48 -19.30 28.69
C GLY B 421 -9.98 -19.51 28.67
N GLY B 422 -9.31 -18.79 27.77
CA GLY B 422 -7.86 -18.91 27.66
C GLY B 422 -7.44 -20.09 26.81
N SER B 423 -8.34 -20.58 25.96
CA SER B 423 -8.04 -21.69 25.06
C SER B 423 -7.31 -21.17 23.84
N LEU B 424 -6.37 -21.98 23.37
CA LEU B 424 -5.56 -21.60 22.23
C LEU B 424 -5.70 -22.55 21.05
N PHE B 425 -5.70 -23.86 21.30
CA PHE B 425 -5.78 -24.84 20.22
C PHE B 425 -6.75 -26.01 20.38
N ILE B 426 -7.45 -26.30 19.29
CA ILE B 426 -8.41 -27.40 19.21
C ILE B 426 -7.80 -28.37 18.16
N LYS B 427 -7.95 -29.67 18.37
CA LYS B 427 -7.36 -30.64 17.44
C LYS B 427 -8.10 -31.97 17.29
N THR B 428 -7.99 -32.55 16.09
CA THR B 428 -8.55 -33.86 15.71
C THR B 428 -7.77 -34.40 14.50
N HIS B 429 -8.09 -35.63 14.08
CA HIS B 429 -7.43 -36.30 12.96
C HIS B 429 -8.46 -37.20 12.24
N PRO B 430 -8.32 -37.42 10.91
CA PRO B 430 -9.26 -38.28 10.15
C PRO B 430 -9.45 -39.70 10.68
N LYS B 431 -8.37 -40.26 11.22
CA LYS B 431 -8.36 -41.62 11.77
C LYS B 431 -8.68 -41.67 13.26
N SER B 432 -9.03 -40.51 13.83
CA SER B 432 -9.35 -40.40 15.26
C SER B 432 -10.80 -40.00 15.54
N SER B 433 -11.33 -40.52 16.65
CA SER B 433 -12.69 -40.22 17.09
C SER B 433 -12.66 -39.31 18.34
N HIS B 434 -11.57 -38.55 18.49
CA HIS B 434 -11.41 -37.64 19.62
C HIS B 434 -11.13 -36.19 19.21
N LEU B 435 -11.55 -35.28 20.08
CA LEU B 435 -11.38 -33.82 19.87
C LEU B 435 -10.75 -33.23 21.13
N TYR B 436 -9.53 -32.72 20.99
CA TYR B 436 -8.76 -32.15 22.10
C TYR B 436 -8.80 -30.62 22.16
N VAL B 437 -8.88 -30.08 23.38
CA VAL B 437 -8.91 -28.62 23.61
C VAL B 437 -8.03 -28.23 24.80
N ASP B 438 -7.06 -27.34 24.57
CA ASP B 438 -6.18 -26.87 25.65
C ASP B 438 -6.80 -25.62 26.33
N THR B 439 -6.15 -25.10 27.36
CA THR B 439 -6.60 -23.92 28.09
C THR B 439 -5.40 -23.17 28.69
N THR B 440 -4.34 -23.10 27.88
CA THR B 440 -3.06 -22.47 28.17
C THR B 440 -3.02 -21.18 29.01
N PHE B 441 -3.82 -20.20 28.62
CA PHE B 441 -3.84 -18.91 29.31
C PHE B 441 -4.95 -18.68 30.34
N ASN B 442 -5.55 -19.79 30.81
CA ASN B 442 -6.61 -19.74 31.82
C ASN B 442 -5.93 -19.40 33.16
N PRO B 443 -6.46 -18.41 33.91
CA PRO B 443 -5.91 -17.99 35.22
C PRO B 443 -5.82 -19.04 36.32
N ASP B 444 -6.57 -20.14 36.19
CA ASP B 444 -6.51 -21.23 37.16
C ASP B 444 -5.38 -22.16 36.73
N ALA B 445 -4.55 -22.53 37.70
CA ALA B 445 -3.41 -23.42 37.46
C ALA B 445 -3.81 -24.81 36.96
N ARG B 446 -4.75 -25.45 37.65
CA ARG B 446 -5.22 -26.80 37.30
C ARG B 446 -5.80 -26.89 35.88
N ILE B 447 -6.60 -25.90 35.49
CA ILE B 447 -7.23 -25.83 34.16
C ILE B 447 -6.16 -25.62 33.07
N SER B 448 -5.22 -24.72 33.32
CA SER B 448 -4.14 -24.40 32.38
C SER B 448 -3.11 -25.52 32.23
N GLN B 449 -3.08 -26.40 33.22
CA GLN B 449 -2.17 -27.54 33.26
C GLN B 449 -2.81 -28.83 32.73
N SER B 450 -4.02 -28.70 32.19
CA SER B 450 -4.77 -29.85 31.65
C SER B 450 -5.44 -29.56 30.32
N VAL B 451 -5.92 -30.62 29.65
CA VAL B 451 -6.66 -30.50 28.38
C VAL B 451 -8.00 -31.23 28.45
N ALA B 452 -8.96 -30.75 27.65
CA ALA B 452 -10.31 -31.35 27.56
C ALA B 452 -10.40 -32.25 26.33
N VAL B 453 -11.00 -33.43 26.48
CA VAL B 453 -11.17 -34.37 25.35
C VAL B 453 -12.64 -34.76 25.15
N PHE B 454 -13.14 -34.55 23.92
CA PHE B 454 -14.53 -34.89 23.57
C PHE B 454 -14.56 -36.18 22.75
N ASP B 455 -15.70 -36.88 22.78
CA ASP B 455 -15.91 -38.12 22.04
C ASP B 455 -16.72 -37.69 20.82
N LEU B 456 -16.16 -37.87 19.62
CA LEU B 456 -16.85 -37.49 18.39
C LEU B 456 -18.03 -38.40 18.03
N LYS B 457 -18.03 -39.59 18.62
CA LYS B 457 -19.09 -40.57 18.44
C LYS B 457 -20.22 -40.36 19.47
N ASN B 458 -20.04 -39.38 20.36
CA ASN B 458 -21.01 -39.04 21.42
C ASN B 458 -20.76 -37.61 21.93
N LEU B 459 -21.14 -36.62 21.13
CA LEU B 459 -20.95 -35.20 21.47
C LEU B 459 -21.86 -34.60 22.52
N ASP B 460 -22.83 -35.38 22.98
CA ASP B 460 -23.77 -34.92 24.01
C ASP B 460 -23.15 -35.04 25.40
N ALA B 461 -22.21 -35.98 25.54
CA ALA B 461 -21.50 -36.23 26.78
C ALA B 461 -20.42 -35.19 27.02
N LYS B 462 -20.20 -34.85 28.29
CA LYS B 462 -19.19 -33.89 28.70
C LYS B 462 -17.79 -34.47 28.42
N TYR B 463 -16.79 -33.60 28.34
CA TYR B 463 -15.40 -33.96 28.10
C TYR B 463 -14.75 -34.71 29.27
N GLN B 464 -13.54 -35.22 29.04
CA GLN B 464 -12.74 -35.90 30.05
C GLN B 464 -11.48 -35.06 30.25
N VAL B 465 -11.17 -34.73 31.51
CA VAL B 465 -10.00 -33.93 31.82
C VAL B 465 -8.78 -34.83 31.86
N LEU B 466 -7.76 -34.45 31.10
CA LEU B 466 -6.50 -35.18 31.02
C LEU B 466 -5.44 -34.34 31.73
N PRO B 467 -4.87 -34.86 32.85
CA PRO B 467 -3.83 -34.17 33.65
C PRO B 467 -2.43 -34.24 33.03
N ILE B 468 -2.27 -33.55 31.90
CA ILE B 468 -1.04 -33.50 31.12
C ILE B 468 0.21 -33.07 31.90
N ALA B 469 0.16 -31.93 32.58
CA ALA B 469 1.31 -31.44 33.34
C ALA B 469 1.68 -32.34 34.54
N GLU B 470 0.65 -32.89 35.19
CA GLU B 470 0.81 -33.80 36.34
C GLU B 470 1.50 -35.10 35.92
N TRP B 471 1.14 -35.58 34.73
CA TRP B 471 1.70 -36.80 34.14
C TRP B 471 3.18 -36.64 33.79
N ALA B 472 3.55 -35.40 33.48
CA ALA B 472 4.92 -35.05 33.12
C ALA B 472 5.87 -35.17 34.30
N ASP B 473 5.34 -35.02 35.53
CA ASP B 473 6.11 -35.12 36.80
C ASP B 473 7.32 -34.16 36.75
N LEU B 474 7.02 -32.85 36.75
CA LEU B 474 8.07 -31.83 36.66
C LEU B 474 8.44 -30.99 37.88
N GLY B 475 7.55 -30.92 38.87
CA GLY B 475 7.84 -30.13 40.05
C GLY B 475 7.26 -28.72 40.01
N GLU B 476 8.09 -27.72 40.31
CA GLU B 476 7.64 -26.32 40.34
C GLU B 476 7.61 -25.60 39.00
N GLY B 477 6.77 -24.56 38.93
CA GLY B 477 6.59 -23.75 37.74
C GLY B 477 5.14 -23.73 37.29
N ALA B 478 4.79 -22.75 36.47
CA ALA B 478 3.42 -22.59 35.94
C ALA B 478 2.92 -23.81 35.15
N LYS B 479 3.84 -24.50 34.48
CA LYS B 479 3.57 -25.71 33.69
C LYS B 479 2.36 -25.66 32.74
N ARG B 480 2.20 -24.54 32.04
CA ARG B 480 1.09 -24.33 31.11
C ARG B 480 1.18 -25.31 29.94
N VAL B 481 0.04 -25.96 29.65
CA VAL B 481 -0.02 -26.92 28.55
C VAL B 481 -0.54 -26.25 27.29
N VAL B 482 0.16 -26.50 26.18
CA VAL B 482 -0.19 -25.89 24.90
C VAL B 482 -0.03 -26.80 23.67
N GLN B 483 -0.94 -26.59 22.72
CA GLN B 483 -1.01 -27.24 21.40
C GLN B 483 -1.06 -28.76 21.24
N PRO B 484 -2.26 -29.32 21.01
CA PRO B 484 -2.38 -30.77 20.80
C PRO B 484 -1.97 -31.03 19.34
N GLU B 485 -1.10 -32.01 19.12
CA GLU B 485 -0.62 -32.31 17.77
C GLU B 485 -0.44 -33.82 17.59
N TYR B 486 -1.03 -34.35 16.51
CA TYR B 486 -0.94 -35.78 16.21
C TYR B 486 0.31 -36.16 15.43
N ASN B 487 0.50 -37.48 15.30
CA ASN B 487 1.61 -38.03 14.55
C ASN B 487 1.11 -38.44 13.16
N LYS B 488 2.04 -38.97 12.35
CA LYS B 488 1.79 -39.41 10.98
C LYS B 488 0.59 -40.34 10.78
N ARG B 489 0.45 -41.34 11.64
CA ARG B 489 -0.66 -42.29 11.53
C ARG B 489 -1.87 -41.99 12.40
N GLY B 490 -1.79 -40.87 13.12
CA GLY B 490 -2.88 -40.40 13.98
C GLY B 490 -3.31 -41.21 15.18
N ASP B 491 -2.40 -42.02 15.73
CA ASP B 491 -2.71 -42.86 16.90
C ASP B 491 -2.18 -42.32 18.24
N GLU B 492 -1.46 -41.21 18.18
CA GLU B 492 -0.94 -40.55 19.38
C GLU B 492 -0.95 -39.04 19.24
N VAL B 493 -1.27 -38.36 20.34
CA VAL B 493 -1.36 -36.91 20.41
C VAL B 493 -0.30 -36.37 21.36
N TRP B 494 0.43 -35.37 20.88
CA TRP B 494 1.52 -34.73 21.62
C TRP B 494 1.10 -33.38 22.18
N PHE B 495 1.62 -33.06 23.37
CA PHE B 495 1.34 -31.82 24.08
C PHE B 495 2.65 -31.23 24.62
N SER B 496 2.73 -29.91 24.69
CA SER B 496 3.91 -29.23 25.21
C SER B 496 3.62 -28.70 26.61
N VAL B 497 4.47 -29.05 27.57
CA VAL B 497 4.31 -28.55 28.94
C VAL B 497 5.32 -27.41 28.96
N TRP B 498 4.81 -26.22 28.64
CA TRP B 498 5.57 -24.99 28.57
C TRP B 498 5.82 -24.38 29.95
N ASN B 499 6.99 -24.72 30.48
CA ASN B 499 7.44 -24.24 31.77
C ASN B 499 8.51 -23.17 31.53
N GLY B 500 8.84 -22.41 32.58
CA GLY B 500 9.84 -21.36 32.49
C GLY B 500 11.22 -21.83 32.09
N LYS B 501 12.03 -20.88 31.61
CA LYS B 501 13.40 -21.11 31.15
C LYS B 501 14.33 -21.78 32.18
N ASN B 502 14.24 -21.35 33.43
CA ASN B 502 15.06 -21.88 34.52
C ASN B 502 14.47 -23.12 35.21
N ASP B 503 13.28 -23.50 34.77
CA ASP B 503 12.58 -24.66 35.30
C ASP B 503 12.68 -25.84 34.31
N SER B 504 12.04 -26.97 34.65
CA SER B 504 12.05 -28.16 33.80
C SER B 504 10.76 -28.32 32.99
N SER B 505 10.93 -28.64 31.71
CA SER B 505 9.83 -28.82 30.77
C SER B 505 9.78 -30.21 30.14
N ALA B 506 8.67 -30.51 29.46
CA ALA B 506 8.47 -31.81 28.82
C ALA B 506 7.43 -31.82 27.71
N LEU B 507 7.49 -32.87 26.88
CA LEU B 507 6.51 -33.10 25.82
C LEU B 507 5.83 -34.38 26.27
N VAL B 508 4.49 -34.33 26.37
CA VAL B 508 3.70 -35.48 26.81
C VAL B 508 2.94 -36.10 25.64
N VAL B 509 3.11 -37.40 25.48
CA VAL B 509 2.46 -38.16 24.40
C VAL B 509 1.35 -39.03 24.98
N VAL B 510 0.15 -38.91 24.40
CA VAL B 510 -1.03 -39.68 24.82
C VAL B 510 -1.48 -40.64 23.71
N ASP B 511 -1.85 -41.86 24.11
CA ASP B 511 -2.35 -42.92 23.21
C ASP B 511 -3.80 -42.54 22.92
N ASP B 512 -4.04 -42.07 21.70
CA ASP B 512 -5.38 -41.63 21.26
C ASP B 512 -6.49 -42.68 21.38
N LYS B 513 -6.17 -43.95 21.16
CA LYS B 513 -7.14 -45.03 21.25
C LYS B 513 -7.62 -45.31 22.70
N THR B 514 -6.72 -45.18 23.67
CA THR B 514 -7.04 -45.46 25.08
C THR B 514 -7.11 -44.27 26.06
N LEU B 515 -6.65 -43.09 25.61
CA LEU B 515 -6.59 -41.84 26.40
C LEU B 515 -5.65 -41.94 27.62
N LYS B 516 -4.69 -42.87 27.49
CA LYS B 516 -3.68 -43.15 28.51
C LYS B 516 -2.33 -42.55 28.17
N LEU B 517 -1.51 -42.32 29.20
CA LEU B 517 -0.16 -41.77 29.06
C LEU B 517 0.74 -42.78 28.37
N LYS B 518 1.25 -42.42 27.20
CA LYS B 518 2.12 -43.29 26.43
C LYS B 518 3.61 -43.03 26.67
N ALA B 519 4.01 -41.76 26.63
CA ALA B 519 5.42 -41.38 26.83
C ALA B 519 5.59 -39.93 27.29
N VAL B 520 6.75 -39.64 27.87
CA VAL B 520 7.11 -38.29 28.33
C VAL B 520 8.53 -38.01 27.83
N VAL B 521 8.70 -36.94 27.04
CA VAL B 521 10.00 -36.56 26.50
C VAL B 521 10.62 -35.46 27.35
N LYS B 522 11.75 -35.80 27.97
CA LYS B 522 12.54 -34.89 28.82
C LYS B 522 13.97 -34.90 28.28
N ASP B 523 14.61 -33.73 28.32
CA ASP B 523 15.98 -33.52 27.83
C ASP B 523 16.41 -32.16 28.40
N PRO B 524 17.68 -32.00 28.86
CA PRO B 524 18.13 -30.70 29.41
C PRO B 524 18.14 -29.56 28.39
N ARG B 525 18.09 -29.93 27.12
CA ARG B 525 18.08 -29.00 25.99
C ARG B 525 16.64 -28.55 25.63
N LEU B 526 15.65 -29.27 26.16
CA LEU B 526 14.25 -28.94 25.89
C LEU B 526 13.79 -27.75 26.77
N ILE B 527 14.28 -26.58 26.38
CA ILE B 527 14.00 -25.32 27.06
C ILE B 527 12.81 -24.61 26.41
N THR B 528 11.82 -24.26 27.24
CA THR B 528 10.58 -23.57 26.83
C THR B 528 9.90 -24.07 25.53
N PRO B 529 9.42 -25.34 25.52
CA PRO B 529 8.76 -25.89 24.33
C PRO B 529 7.36 -25.33 24.10
N THR B 530 7.17 -24.81 22.89
CA THR B 530 5.90 -24.24 22.50
C THR B 530 5.33 -25.05 21.34
N GLY B 531 5.46 -24.54 20.11
CA GLY B 531 4.93 -25.25 18.97
C GLY B 531 5.62 -26.52 18.53
N LYS B 532 4.81 -27.51 18.18
CA LYS B 532 5.28 -28.82 17.69
C LYS B 532 4.58 -29.02 16.36
N PHE B 533 5.36 -29.31 15.32
CA PHE B 533 4.80 -29.54 13.99
C PHE B 533 5.26 -30.86 13.38
N ASN B 534 4.32 -31.81 13.25
CA ASN B 534 4.58 -33.12 12.64
C ASN B 534 4.75 -32.86 11.14
N VAL B 535 5.87 -33.29 10.58
CA VAL B 535 6.19 -33.10 9.16
C VAL B 535 5.06 -33.46 8.17
N TYR B 536 4.54 -34.69 8.25
CA TYR B 536 3.46 -35.14 7.35
C TYR B 536 2.18 -34.30 7.52
N ASN B 537 1.69 -34.22 8.76
CA ASN B 537 0.47 -33.47 9.09
C ASN B 537 0.48 -31.97 8.79
N THR B 538 1.67 -31.38 8.74
CA THR B 538 1.87 -29.96 8.45
C THR B 538 1.91 -29.75 6.93
N GLN B 539 2.68 -30.61 6.25
CA GLN B 539 2.85 -30.59 4.79
C GLN B 539 1.57 -30.82 4.01
N HIS B 540 0.75 -31.76 4.49
CA HIS B 540 -0.49 -32.13 3.83
C HIS B 540 -1.77 -31.58 4.48
N ASP B 541 -1.59 -30.61 5.38
CA ASP B 541 -2.69 -29.94 6.09
C ASP B 541 -3.73 -30.90 6.68
N VAL B 542 -3.24 -31.88 7.45
CA VAL B 542 -4.11 -32.88 8.07
C VAL B 542 -4.58 -32.42 9.47
N TYR B 543 -5.73 -31.73 9.47
CA TYR B 543 -6.41 -31.23 10.66
C TYR B 543 -7.92 -31.12 10.43
#